data_7AHV
#
_entry.id   7AHV
#
_cell.length_a   97.030
_cell.length_b   97.030
_cell.length_c   254.510
_cell.angle_alpha   90.000
_cell.angle_beta   90.000
_cell.angle_gamma   90.000
#
_symmetry.space_group_name_H-M   'P 41 2 2'
#
loop_
_entity.id
_entity.type
_entity.pdbx_description
1 polymer 'anti-FIXa Fab of mim8 heavy chain'
2 polymer 'anti-FIXa Fab of mim8 light chain'
3 polymer 'Coagulation factor IX'
4 polymer 'Coagulation factor IX'
5 non-polymer 'SULFATE ION'
6 non-polymer L-alpha-glutamyl-N-{(1S)-4-{[amino(iminio)methyl]amino}-1-[(1S)-2-chloro-1-hydroxyethyl]butyl}glycinamide
7 non-polymer 'CALCIUM ION'
#
loop_
_entity_poly.entity_id
_entity_poly.type
_entity_poly.pdbx_seq_one_letter_code
_entity_poly.pdbx_strand_id
1 'polypeptide(L)'
;EVQLVESGGGLVQPGRSLRLSCAASGFTFHDYAMHWVRQVPGKGLEWVSGISWRGDIGGYVKSVKGRFTISRDNAKNSLY
LQMNSLRAEDTALYYCVKSYGSGSFYNAFDSWGQGTLVTVSSASTKGPSVFPLAPCSRSTSESTAALGCLVKDYFPEPVT
VSWNSGALTSGVHTFPAVLQSSGLYSLSSVVTVPSSSLGTKTYTCNVDHKPSNTKVDKRVESKY
;
A
2 'polypeptide(L)'
;DIQMTQSPSTLSASVGDRVTITCRASQSISSWLAWYQQKPGKAPKFLIYKASKLERGTPSRFSGSGDGTEFSLTISSLQP
DDFATYYCLEYSSYIRTFGQGTKVEIKRTVAAPSVFIFPPSDEQLKSGTASVVCLLNNFYPREAKVQWKVDAALQSGNSQ
ESVTEQDSKDSTYSLSSTLTLSKADYEKHKVYACEVTHQGLSSPVTKSFNRGEC
;
B
3 'polypeptide(L)' MDVTCNIKNGRCEQFCKNSADNKVVCSCTEGYRLAENQKSCEPAVPFPCGRVSVSQTSK L
4 'polypeptide(L)'
;VVGGEDAKPGQFPWQVVLNGKVDAFCGGSIVNEKWIVTAAHCVETGVKITVVAGEHNIEETEHTEQKRNVIRIIPHHNYN
AAINKYNHDIALLELDEPLVLNSYVTPICIADKEYTNIFLKFGSGYVSGWGRVFHKGRSALVLQYLRVPLVDRATCLRST
KFTIYNNMFCAGFHEGGRDSCQGDSGGPHVTEVEGTSFLTGIISWGEECAMKGKYGIYTKVSRYVNWIKEKTKLT
;
H
#
loop_
_chem_comp.id
_chem_comp.type
_chem_comp.name
_chem_comp.formula
0GJ peptide-like L-alpha-glutamyl-N-{(1S)-4-{[amino(iminio)methyl]amino}-1-[(1S)-2-chloro-1-hydroxyethyl]butyl}glycinamide 'C14 H28 Cl N6 O5 1'
CA non-polymer 'CALCIUM ION' 'Ca 2'
SO4 non-polymer 'SULFATE ION' 'O4 S -2'
#
# COMPACT_ATOMS: atom_id res chain seq x y z
N GLU A 1 6.09 -18.56 4.11
CA GLU A 1 6.78 -17.64 3.20
C GLU A 1 5.80 -17.00 2.21
N VAL A 2 5.72 -15.68 2.19
CA VAL A 2 4.87 -15.03 1.21
C VAL A 2 5.47 -15.21 -0.17
N GLN A 3 4.70 -15.71 -1.11
CA GLN A 3 5.14 -15.83 -2.50
C GLN A 3 4.12 -15.19 -3.45
N LEU A 4 4.63 -14.41 -4.38
CA LEU A 4 3.85 -13.82 -5.46
C LEU A 4 4.57 -14.10 -6.77
N VAL A 5 4.06 -15.02 -7.57
CA VAL A 5 4.74 -15.46 -8.79
C VAL A 5 3.96 -14.97 -10.00
N GLU A 6 4.50 -13.95 -10.66
CA GLU A 6 3.90 -13.38 -11.84
C GLU A 6 4.33 -14.16 -13.08
N SER A 7 3.45 -14.22 -14.08
CA SER A 7 3.84 -14.81 -15.34
C SER A 7 2.98 -14.23 -16.46
N GLY A 8 3.32 -14.60 -17.70
CA GLY A 8 2.55 -14.16 -18.85
C GLY A 8 3.10 -12.97 -19.58
N GLY A 9 4.17 -12.36 -19.06
CA GLY A 9 4.78 -11.23 -19.69
C GLY A 9 5.64 -11.71 -20.86
N GLY A 10 6.48 -10.81 -21.34
CA GLY A 10 7.41 -11.16 -22.39
C GLY A 10 7.33 -10.15 -23.52
N LEU A 11 7.88 -10.54 -24.66
CA LEU A 11 7.93 -9.67 -25.82
C LEU A 11 6.64 -9.82 -26.62
N VAL A 12 6.04 -8.69 -27.01
CA VAL A 12 4.82 -8.69 -27.80
C VAL A 12 4.88 -7.54 -28.81
N GLN A 13 4.33 -7.77 -30.02
CA GLN A 13 4.26 -6.73 -31.05
C GLN A 13 3.21 -5.68 -30.68
N PRO A 14 3.41 -4.44 -31.10
CA PRO A 14 2.40 -3.41 -30.82
C PRO A 14 1.05 -3.82 -31.37
N GLY A 15 -0.01 -3.51 -30.62
CA GLY A 15 -1.37 -3.84 -30.99
C GLY A 15 -1.86 -5.19 -30.53
N ARG A 16 -0.97 -6.07 -30.12
CA ARG A 16 -1.38 -7.37 -29.65
C ARG A 16 -1.60 -7.27 -28.14
N SER A 17 -1.84 -8.41 -27.50
CA SER A 17 -2.31 -8.41 -26.11
C SER A 17 -1.54 -9.43 -25.26
N LEU A 18 -1.59 -9.20 -23.95
CA LEU A 18 -1.05 -10.13 -22.98
C LEU A 18 -2.01 -10.24 -21.78
N ARG A 19 -1.91 -11.37 -21.09
CA ARG A 19 -2.57 -11.63 -19.80
C ARG A 19 -1.54 -11.94 -18.72
N LEU A 20 -1.39 -11.03 -17.76
CA LEU A 20 -0.48 -11.28 -16.65
C LEU A 20 -1.22 -12.05 -15.56
N SER A 21 -0.51 -12.98 -14.93
CA SER A 21 -1.05 -13.73 -13.83
C SER A 21 -0.12 -13.61 -12.64
N CYS A 22 -0.67 -13.68 -11.45
CA CYS A 22 0.15 -13.73 -10.27
C CYS A 22 -0.49 -14.73 -9.35
N ALA A 23 0.20 -15.80 -9.01
CA ALA A 23 -0.35 -16.83 -8.13
C ALA A 23 0.28 -16.64 -6.76
N ALA A 24 -0.56 -16.65 -5.72
CA ALA A 24 -0.16 -16.23 -4.38
C ALA A 24 -0.28 -17.37 -3.38
N SER A 25 0.61 -17.32 -2.39
CA SER A 25 0.56 -18.26 -1.27
C SER A 25 1.31 -17.66 -0.09
N GLY A 26 1.15 -18.31 1.07
CA GLY A 26 1.82 -17.86 2.26
C GLY A 26 1.05 -16.84 3.04
N PHE A 27 -0.20 -16.59 2.67
CA PHE A 27 -1.10 -15.69 3.39
C PHE A 27 -2.51 -16.02 2.92
N THR A 28 -3.49 -15.51 3.65
CA THR A 28 -4.90 -15.78 3.30
C THR A 28 -5.25 -14.83 2.18
N PHE A 29 -5.30 -15.37 0.97
CA PHE A 29 -5.41 -14.55 -0.22
C PHE A 29 -6.61 -13.63 -0.15
N HIS A 30 -7.75 -14.17 0.26
CA HIS A 30 -8.98 -13.38 0.24
C HIS A 30 -9.15 -12.50 1.47
N ASP A 31 -8.12 -12.33 2.28
CA ASP A 31 -8.18 -11.32 3.32
C ASP A 31 -7.52 -9.99 2.91
N TYR A 32 -7.05 -9.88 1.65
CA TYR A 32 -6.27 -8.74 1.22
C TYR A 32 -6.63 -8.26 -0.18
N ALA A 33 -6.75 -6.93 -0.33
CA ALA A 33 -6.67 -6.28 -1.62
C ALA A 33 -5.30 -6.52 -2.27
N MET A 34 -5.30 -6.63 -3.61
CA MET A 34 -4.11 -6.91 -4.39
C MET A 34 -4.00 -5.89 -5.52
N HIS A 35 -2.76 -5.68 -6.01
CA HIS A 35 -2.42 -4.55 -6.89
C HIS A 35 -1.31 -4.90 -7.87
N TRP A 36 -1.25 -4.14 -8.97
CA TRP A 36 -0.14 -4.16 -9.91
C TRP A 36 0.61 -2.84 -9.85
N VAL A 37 1.92 -2.91 -9.63
CA VAL A 37 2.83 -1.76 -9.61
C VAL A 37 3.93 -2.06 -10.62
N ARG A 38 4.18 -1.11 -11.52
CA ARG A 38 5.16 -1.28 -12.58
C ARG A 38 6.34 -0.34 -12.38
N GLN A 39 7.51 -0.79 -12.82
CA GLN A 39 8.75 -0.02 -12.75
C GLN A 39 9.17 0.20 -14.20
N VAL A 40 9.11 1.45 -14.65
CA VAL A 40 9.35 1.82 -16.04
C VAL A 40 10.75 2.38 -16.20
N PRO A 41 11.39 2.27 -17.45
CA PRO A 41 12.82 2.62 -17.61
C PRO A 41 13.04 3.96 -16.92
N GLY A 42 13.87 3.96 -15.90
CA GLY A 42 14.27 5.21 -15.31
C GLY A 42 14.22 4.84 -13.86
N LYS A 43 13.32 3.88 -13.59
CA LYS A 43 13.12 3.16 -12.33
C LYS A 43 12.06 3.90 -11.50
N GLY A 44 11.24 4.75 -12.12
CA GLY A 44 10.02 5.16 -11.45
C GLY A 44 9.09 3.99 -11.24
N LEU A 45 8.51 3.95 -10.02
CA LEU A 45 7.43 3.05 -9.65
C LEU A 45 6.11 3.77 -9.84
N GLU A 46 5.09 3.03 -10.28
CA GLU A 46 3.80 3.64 -10.56
C GLU A 46 2.71 2.61 -10.31
N TRP A 47 1.80 2.88 -9.36
CA TRP A 47 0.63 2.03 -9.18
C TRP A 47 -0.25 2.07 -10.42
N VAL A 48 -0.59 0.89 -10.95
CA VAL A 48 -1.37 0.80 -12.17
C VAL A 48 -2.83 0.50 -11.88
N SER A 49 -3.08 -0.51 -11.05
CA SER A 49 -4.44 -0.94 -10.77
C SER A 49 -4.42 -1.75 -9.48
N GLY A 50 -5.58 -1.81 -8.85
CA GLY A 50 -5.77 -2.59 -7.64
C GLY A 50 -7.23 -3.04 -7.50
N ILE A 51 -7.44 -4.02 -6.62
CA ILE A 51 -8.77 -4.62 -6.51
C ILE A 51 -8.96 -5.11 -5.08
N SER A 52 -10.13 -4.82 -4.48
CA SER A 52 -10.42 -5.20 -3.11
C SER A 52 -10.59 -6.70 -2.99
N TRP A 53 -10.61 -7.18 -1.75
CA TRP A 53 -10.66 -8.61 -1.50
C TRP A 53 -11.81 -9.28 -2.26
N ARG A 54 -12.93 -8.58 -2.41
CA ARG A 54 -14.17 -9.13 -2.95
C ARG A 54 -14.39 -8.75 -4.41
N GLY A 55 -13.53 -7.89 -4.96
CA GLY A 55 -13.60 -7.60 -6.37
C GLY A 55 -14.59 -6.52 -6.72
N ASP A 56 -15.15 -5.83 -5.72
CA ASP A 56 -16.15 -4.80 -5.97
C ASP A 56 -15.59 -3.38 -5.79
N ILE A 57 -14.37 -3.25 -5.31
CA ILE A 57 -13.67 -1.97 -5.21
C ILE A 57 -12.35 -2.03 -6.01
N GLY A 58 -12.08 -0.98 -6.78
CA GLY A 58 -10.78 -0.92 -7.44
C GLY A 58 -10.66 0.33 -8.28
N GLY A 59 -9.57 0.39 -9.04
CA GLY A 59 -9.26 1.57 -9.83
C GLY A 59 -8.07 1.39 -10.75
N TYR A 60 -7.78 2.47 -11.49
CA TYR A 60 -6.77 2.51 -12.54
C TYR A 60 -6.06 3.86 -12.57
N VAL A 61 -4.76 3.82 -12.88
CA VAL A 61 -4.02 5.00 -13.25
C VAL A 61 -4.60 5.61 -14.54
N LYS A 62 -4.29 6.88 -14.78
CA LYS A 62 -4.70 7.56 -16.01
C LYS A 62 -4.26 6.82 -17.27
N SER A 63 -5.13 6.85 -18.28
CA SER A 63 -4.79 6.46 -19.65
C SER A 63 -4.57 4.96 -19.82
N VAL A 64 -5.18 4.11 -18.98
CA VAL A 64 -5.06 2.66 -19.17
C VAL A 64 -6.38 1.90 -19.13
N LYS A 65 -7.40 2.43 -18.46
CA LYS A 65 -8.60 1.61 -18.20
C LYS A 65 -9.31 1.12 -19.46
N GLY A 66 -9.25 1.88 -20.56
CA GLY A 66 -9.79 1.45 -21.85
C GLY A 66 -9.10 0.25 -22.47
N ARG A 67 -7.92 -0.13 -21.97
CA ARG A 67 -7.09 -1.19 -22.53
C ARG A 67 -6.77 -2.22 -21.45
N PHE A 68 -6.75 -1.81 -20.19
CA PHE A 68 -6.34 -2.69 -19.11
C PHE A 68 -7.56 -3.11 -18.30
N THR A 69 -7.57 -4.37 -17.86
CA THR A 69 -8.64 -4.88 -17.01
C THR A 69 -8.02 -5.74 -15.90
N ILE A 70 -8.25 -5.34 -14.63
CA ILE A 70 -7.84 -6.13 -13.47
C ILE A 70 -8.96 -7.10 -13.09
N SER A 71 -8.58 -8.27 -12.61
CA SER A 71 -9.54 -9.23 -12.05
C SER A 71 -8.84 -10.11 -11.03
N ARG A 72 -9.62 -10.87 -10.28
CA ARG A 72 -9.05 -11.84 -9.35
C ARG A 72 -9.94 -13.07 -9.28
N ASP A 73 -9.33 -14.20 -8.92
CA ASP A 73 -9.99 -15.48 -8.75
C ASP A 73 -9.58 -16.04 -7.39
N ASN A 74 -10.41 -15.84 -6.37
CA ASN A 74 -9.99 -16.24 -5.04
C ASN A 74 -9.79 -17.75 -4.91
N ALA A 75 -10.52 -18.55 -5.68
CA ALA A 75 -10.33 -20.00 -5.60
C ALA A 75 -8.96 -20.45 -6.08
N LYS A 76 -8.29 -19.69 -6.96
CA LYS A 76 -6.97 -20.07 -7.44
C LYS A 76 -5.86 -19.21 -6.85
N ASN A 77 -6.18 -18.37 -5.85
CA ASN A 77 -5.23 -17.42 -5.28
C ASN A 77 -4.44 -16.65 -6.34
N SER A 78 -5.13 -16.22 -7.39
CA SER A 78 -4.46 -15.54 -8.47
C SER A 78 -5.08 -14.17 -8.73
N LEU A 79 -4.23 -13.26 -9.15
CA LEU A 79 -4.59 -11.93 -9.61
C LEU A 79 -4.23 -11.83 -11.10
N TYR A 80 -5.01 -11.04 -11.84
CA TYR A 80 -4.83 -10.95 -13.29
C TYR A 80 -4.85 -9.51 -13.78
N LEU A 81 -4.16 -9.31 -14.91
CA LEU A 81 -4.20 -8.08 -15.68
C LEU A 81 -4.29 -8.38 -17.16
N GLN A 82 -5.42 -8.01 -17.78
CA GLN A 82 -5.58 -8.12 -19.22
C GLN A 82 -5.04 -6.85 -19.85
N MET A 83 -4.06 -6.99 -20.76
CA MET A 83 -3.48 -5.82 -21.42
C MET A 83 -3.75 -5.91 -22.92
N ASN A 84 -4.55 -5.00 -23.47
CA ASN A 84 -4.88 -5.00 -24.89
C ASN A 84 -4.20 -3.88 -25.67
N SER A 85 -4.02 -4.11 -26.98
CA SER A 85 -3.60 -3.06 -27.89
C SER A 85 -2.33 -2.38 -27.37
N LEU A 86 -1.33 -3.20 -27.10
CA LEU A 86 -0.18 -2.69 -26.38
C LEU A 86 0.59 -1.67 -27.22
N ARG A 87 1.17 -0.69 -26.53
CA ARG A 87 2.00 0.38 -27.07
C ARG A 87 3.38 0.30 -26.47
N ALA A 88 4.32 0.91 -27.19
CA ALA A 88 5.72 0.88 -26.77
C ALA A 88 5.88 1.37 -25.35
N GLU A 89 5.13 2.43 -24.97
CA GLU A 89 5.39 2.95 -23.62
C GLU A 89 4.83 2.10 -22.49
N ASP A 90 4.14 1.01 -22.80
CA ASP A 90 3.76 0.07 -21.77
C ASP A 90 4.92 -0.78 -21.28
N THR A 91 6.09 -0.70 -21.93
CA THR A 91 7.23 -1.53 -21.57
C THR A 91 7.68 -1.24 -20.15
N ALA A 92 7.73 -2.27 -19.32
CA ALA A 92 8.02 -2.10 -17.91
C ALA A 92 8.09 -3.48 -17.28
N LEU A 93 8.62 -3.51 -16.06
CA LEU A 93 8.55 -4.68 -15.18
C LEU A 93 7.29 -4.58 -14.32
N TYR A 94 6.38 -5.56 -14.44
CA TYR A 94 5.09 -5.53 -13.74
C TYR A 94 5.16 -6.42 -12.50
N TYR A 95 5.05 -5.80 -11.33
CA TYR A 95 5.06 -6.51 -10.05
C TYR A 95 3.63 -6.78 -9.61
N CYS A 96 3.39 -7.95 -9.05
CA CYS A 96 2.20 -8.26 -8.27
C CYS A 96 2.43 -7.83 -6.82
N VAL A 97 1.50 -7.08 -6.23
CA VAL A 97 1.68 -6.54 -4.88
C VAL A 97 0.50 -6.73 -3.92
N LYS A 98 0.80 -6.91 -2.63
CA LYS A 98 -0.19 -7.21 -1.60
C LYS A 98 -0.32 -6.06 -0.60
N SER A 99 -1.56 -5.64 -0.33
CA SER A 99 -1.83 -4.64 0.72
C SER A 99 -1.36 -5.12 2.08
N TYR A 100 -0.76 -4.21 2.86
CA TYR A 100 -0.27 -4.53 4.20
C TYR A 100 -1.46 -4.61 5.15
N GLY A 101 -1.23 -5.19 6.32
CA GLY A 101 -2.13 -5.00 7.46
C GLY A 101 -3.59 -5.45 7.31
N SER A 102 -4.53 -4.50 7.33
CA SER A 102 -5.96 -4.80 7.22
C SER A 102 -6.36 -5.40 5.88
N GLY A 103 -5.53 -5.28 4.85
CA GLY A 103 -5.92 -5.77 3.56
C GLY A 103 -6.80 -4.78 2.85
N SER A 104 -6.98 -3.58 3.42
CA SER A 104 -7.75 -2.52 2.79
C SER A 104 -7.25 -2.21 1.40
N PHE A 105 -8.17 -1.91 0.49
CA PHE A 105 -7.78 -1.47 -0.85
C PHE A 105 -6.93 -0.21 -0.82
N TYR A 106 -7.05 0.60 0.22
CA TYR A 106 -6.41 1.91 0.29
C TYR A 106 -5.07 1.91 1.00
N ASN A 107 -4.56 0.75 1.39
CA ASN A 107 -3.30 0.70 2.09
C ASN A 107 -2.16 0.66 1.07
N ALA A 108 -0.96 0.91 1.59
CA ALA A 108 0.31 0.66 0.92
C ALA A 108 0.58 -0.83 0.87
N PHE A 109 1.75 -1.19 0.36
CA PHE A 109 2.08 -2.56 0.03
C PHE A 109 3.24 -3.12 0.85
N ASP A 110 3.05 -4.32 1.39
CA ASP A 110 4.15 -4.92 2.15
C ASP A 110 4.86 -6.07 1.44
N SER A 111 4.25 -6.74 0.47
CA SER A 111 4.90 -7.84 -0.21
C SER A 111 4.88 -7.65 -1.72
N TRP A 112 5.96 -8.01 -2.36
CA TRP A 112 6.12 -7.77 -3.78
C TRP A 112 6.65 -9.05 -4.39
N GLY A 113 6.21 -9.35 -5.62
CA GLY A 113 6.78 -10.42 -6.41
C GLY A 113 8.13 -10.04 -6.98
N GLN A 114 8.63 -10.91 -7.85
CA GLN A 114 9.85 -10.58 -8.56
C GLN A 114 9.58 -9.82 -9.84
N GLY A 115 8.34 -9.72 -10.30
CA GLY A 115 8.05 -8.99 -11.53
C GLY A 115 8.12 -9.80 -12.80
N THR A 116 7.25 -9.49 -13.76
CA THR A 116 7.31 -10.08 -15.10
C THR A 116 7.62 -8.97 -16.09
N LEU A 117 8.56 -9.23 -17.00
CA LEU A 117 9.01 -8.17 -17.89
C LEU A 117 8.15 -8.16 -19.15
N VAL A 118 7.57 -7.00 -19.44
CA VAL A 118 6.75 -6.82 -20.63
C VAL A 118 7.50 -5.88 -21.58
N THR A 119 7.76 -6.37 -22.81
CA THR A 119 8.45 -5.63 -23.86
C THR A 119 7.61 -5.49 -25.13
N VAL A 120 7.32 -4.26 -25.54
CA VAL A 120 6.51 -4.01 -26.73
C VAL A 120 7.47 -3.48 -27.78
N SER A 121 7.66 -4.24 -28.86
CA SER A 121 8.68 -3.91 -29.84
C SER A 121 8.44 -4.69 -31.11
N SER A 122 8.86 -4.10 -32.23
CA SER A 122 8.68 -4.77 -33.51
C SER A 122 9.62 -5.95 -33.63
N ALA A 123 10.75 -5.91 -32.93
CA ALA A 123 11.83 -6.84 -33.18
C ALA A 123 11.48 -8.25 -32.77
N SER A 124 12.06 -9.21 -33.49
CA SER A 124 11.75 -10.60 -33.25
C SER A 124 12.73 -11.16 -32.22
N THR A 125 12.31 -12.22 -31.54
CA THR A 125 13.16 -12.94 -30.61
C THR A 125 14.40 -13.47 -31.32
N LYS A 126 15.53 -13.46 -30.59
CA LYS A 126 16.80 -13.98 -31.10
C LYS A 126 17.58 -14.49 -29.90
N GLY A 127 17.94 -15.77 -29.94
CA GLY A 127 18.73 -16.39 -28.89
C GLY A 127 20.19 -15.96 -28.88
N PRO A 128 20.82 -16.03 -27.70
CA PRO A 128 22.19 -15.54 -27.57
C PRO A 128 23.22 -16.58 -27.97
N SER A 129 24.39 -16.08 -28.37
CA SER A 129 25.62 -16.86 -28.48
C SER A 129 26.49 -16.69 -27.24
N VAL A 130 27.00 -17.78 -26.70
CA VAL A 130 27.82 -17.74 -25.48
C VAL A 130 29.24 -18.09 -25.89
N PHE A 131 30.18 -17.16 -25.66
CA PHE A 131 31.59 -17.36 -26.00
C PHE A 131 32.46 -17.29 -24.76
N PRO A 132 33.55 -18.04 -24.72
CA PRO A 132 34.42 -18.02 -23.54
C PRO A 132 35.32 -16.79 -23.53
N LEU A 133 35.57 -16.30 -22.34
CA LEU A 133 36.52 -15.24 -22.09
C LEU A 133 37.63 -15.89 -21.30
N ALA A 134 38.79 -16.03 -21.93
CA ALA A 134 39.91 -16.72 -21.35
C ALA A 134 41.13 -15.91 -21.74
N PRO A 135 41.95 -15.51 -20.77
CA PRO A 135 43.09 -14.66 -21.08
C PRO A 135 44.10 -15.44 -21.87
N CYS A 136 44.86 -14.70 -22.68
CA CYS A 136 45.87 -15.32 -23.51
C CYS A 136 47.00 -15.93 -22.70
N SER A 137 47.52 -15.19 -21.72
CA SER A 137 48.52 -15.67 -20.79
C SER A 137 48.15 -15.16 -19.40
N ARG A 138 48.81 -15.67 -18.37
CA ARG A 138 48.43 -15.26 -17.03
C ARG A 138 49.63 -14.68 -16.29
N SER A 139 49.43 -13.49 -15.72
CA SER A 139 50.53 -12.76 -15.10
C SER A 139 50.72 -13.23 -13.66
N THR A 140 51.94 -13.61 -13.33
CA THR A 140 52.33 -13.89 -11.94
C THR A 140 52.09 -12.70 -11.01
N SER A 141 52.09 -11.47 -11.54
CA SER A 141 51.99 -10.27 -10.70
C SER A 141 50.59 -10.01 -10.18
N GLU A 142 49.56 -10.59 -10.79
CA GLU A 142 48.18 -10.35 -10.40
C GLU A 142 47.80 -11.39 -9.34
N SER A 143 47.23 -10.90 -8.23
CA SER A 143 46.80 -11.80 -7.16
C SER A 143 45.55 -12.59 -7.47
N THR A 144 44.77 -12.15 -8.47
CA THR A 144 43.58 -12.84 -8.95
C THR A 144 43.74 -13.21 -10.41
N ALA A 145 43.05 -14.29 -10.83
CA ALA A 145 42.92 -14.69 -12.23
C ALA A 145 41.46 -14.57 -12.67
N ALA A 146 41.22 -14.11 -13.89
CA ALA A 146 39.88 -13.81 -14.40
C ALA A 146 39.54 -14.64 -15.62
N LEU A 147 38.26 -14.99 -15.74
CA LEU A 147 37.68 -15.58 -16.95
C LEU A 147 36.19 -15.27 -16.94
N GLY A 148 35.51 -15.63 -18.03
CA GLY A 148 34.13 -15.19 -18.17
C GLY A 148 33.42 -15.79 -19.36
N CYS A 149 32.20 -15.29 -19.60
CA CYS A 149 31.38 -15.66 -20.76
C CYS A 149 30.84 -14.39 -21.38
N LEU A 150 30.99 -14.27 -22.70
CA LEU A 150 30.38 -13.18 -23.46
C LEU A 150 29.05 -13.69 -24.03
N VAL A 151 27.96 -13.09 -23.60
CA VAL A 151 26.64 -13.53 -24.02
C VAL A 151 26.17 -12.47 -25.03
N LYS A 152 26.23 -12.80 -26.33
CA LYS A 152 26.21 -11.80 -27.39
C LYS A 152 25.02 -11.96 -28.33
N ASP A 153 24.45 -10.82 -28.74
CA ASP A 153 23.50 -10.72 -29.85
C ASP A 153 22.21 -11.52 -29.56
N TYR A 154 21.47 -11.05 -28.54
CA TYR A 154 20.19 -11.64 -28.20
C TYR A 154 19.14 -10.54 -28.08
N PHE A 155 17.89 -10.98 -28.03
CA PHE A 155 16.72 -10.14 -27.82
C PHE A 155 15.47 -10.94 -27.47
N PRO A 156 14.66 -10.50 -26.49
CA PRO A 156 14.88 -9.38 -25.57
C PRO A 156 15.60 -9.74 -24.28
N GLU A 157 15.73 -8.75 -23.38
CA GLU A 157 16.09 -9.04 -22.01
C GLU A 157 14.99 -9.90 -21.39
N PRO A 158 15.30 -10.68 -20.34
CA PRO A 158 16.62 -10.86 -19.72
C PRO A 158 17.27 -12.17 -20.08
N VAL A 159 18.55 -12.24 -19.80
CA VAL A 159 19.28 -13.49 -19.65
C VAL A 159 19.67 -13.59 -18.18
N THR A 160 19.67 -14.79 -17.65
CA THR A 160 20.17 -15.02 -16.30
C THR A 160 21.47 -15.79 -16.42
N VAL A 161 22.50 -15.36 -15.71
CA VAL A 161 23.76 -16.06 -15.80
C VAL A 161 24.10 -16.59 -14.43
N SER A 162 24.59 -17.83 -14.41
CA SER A 162 25.03 -18.52 -13.23
C SER A 162 26.32 -19.22 -13.57
N TRP A 163 27.08 -19.59 -12.55
CA TRP A 163 28.33 -20.32 -12.73
C TRP A 163 28.27 -21.61 -11.92
N ASN A 164 28.66 -22.71 -12.55
CA ASN A 164 28.58 -24.02 -11.92
C ASN A 164 27.23 -24.19 -11.21
N SER A 165 26.16 -23.94 -11.97
CA SER A 165 24.78 -24.12 -11.51
C SER A 165 24.52 -23.41 -10.17
N GLY A 166 25.13 -22.24 -9.99
CA GLY A 166 24.90 -21.44 -8.81
C GLY A 166 25.79 -21.77 -7.63
N ALA A 167 26.62 -22.82 -7.75
CA ALA A 167 27.60 -23.11 -6.71
C ALA A 167 28.62 -21.99 -6.54
N LEU A 168 29.07 -21.42 -7.65
CA LEU A 168 30.13 -20.42 -7.63
C LEU A 168 29.52 -19.03 -7.63
N THR A 169 29.69 -18.29 -6.54
CA THR A 169 29.07 -16.97 -6.52
C THR A 169 30.06 -15.88 -6.08
N SER A 170 30.99 -16.21 -5.16
CA SER A 170 32.03 -15.23 -4.81
C SER A 170 32.90 -14.89 -6.03
N GLY A 171 33.15 -13.59 -6.18
CA GLY A 171 33.96 -13.07 -7.24
C GLY A 171 33.30 -12.99 -8.61
N VAL A 172 32.01 -13.32 -8.73
CA VAL A 172 31.30 -13.26 -10.01
C VAL A 172 30.72 -11.86 -10.16
N HIS A 173 30.87 -11.28 -11.35
CA HIS A 173 30.17 -10.05 -11.72
C HIS A 173 29.45 -10.28 -13.04
N THR A 174 28.14 -10.10 -13.07
CA THR A 174 27.42 -10.11 -14.34
C THR A 174 27.04 -8.66 -14.69
N PHE A 175 27.54 -8.15 -15.84
CA PHE A 175 27.36 -6.73 -16.13
C PHE A 175 26.00 -6.46 -16.76
N PRO A 176 25.47 -5.25 -16.61
CA PRO A 176 24.28 -4.88 -17.36
C PRO A 176 24.53 -4.95 -18.86
N ALA A 177 23.54 -5.46 -19.57
CA ALA A 177 23.63 -5.55 -21.01
C ALA A 177 23.64 -4.13 -21.60
N VAL A 178 24.26 -4.01 -22.77
CA VAL A 178 24.26 -2.78 -23.53
C VAL A 178 23.57 -3.10 -24.84
N LEU A 179 22.77 -2.16 -25.31
CA LEU A 179 22.10 -2.28 -26.59
C LEU A 179 23.06 -1.91 -27.71
N GLN A 180 23.26 -2.84 -28.65
CA GLN A 180 24.15 -2.61 -29.78
C GLN A 180 23.40 -1.93 -30.92
N SER A 181 24.18 -1.39 -31.87
CA SER A 181 23.60 -0.69 -33.00
C SER A 181 22.68 -1.58 -33.82
N SER A 182 22.87 -2.90 -33.75
CA SER A 182 21.95 -3.86 -34.33
C SER A 182 20.61 -3.97 -33.62
N GLY A 183 20.43 -3.39 -32.43
CA GLY A 183 19.20 -3.63 -31.70
C GLY A 183 19.18 -4.90 -30.89
N LEU A 184 20.29 -5.62 -30.83
CA LEU A 184 20.44 -6.78 -29.99
C LEU A 184 21.23 -6.41 -28.75
N TYR A 185 20.98 -7.14 -27.67
CA TYR A 185 21.68 -6.93 -26.42
C TYR A 185 22.93 -7.82 -26.39
N SER A 186 23.95 -7.35 -25.66
CA SER A 186 25.08 -8.18 -25.29
C SER A 186 25.44 -7.91 -23.84
N LEU A 187 26.00 -8.93 -23.18
CA LEU A 187 26.62 -8.75 -21.87
C LEU A 187 27.76 -9.75 -21.71
N SER A 188 28.45 -9.63 -20.58
CA SER A 188 29.41 -10.64 -20.15
C SER A 188 29.36 -10.79 -18.64
N SER A 189 29.57 -12.02 -18.21
CA SER A 189 29.64 -12.42 -16.82
C SER A 189 31.05 -12.92 -16.60
N VAL A 190 31.73 -12.40 -15.60
CA VAL A 190 33.10 -12.79 -15.29
C VAL A 190 33.19 -13.25 -13.84
N VAL A 191 34.24 -14.02 -13.57
CA VAL A 191 34.57 -14.45 -12.21
C VAL A 191 36.07 -14.32 -12.04
N THR A 192 36.51 -13.86 -10.86
CA THR A 192 37.92 -13.77 -10.51
C THR A 192 38.18 -14.58 -9.26
N VAL A 193 39.33 -15.24 -9.21
CA VAL A 193 39.68 -16.10 -8.07
C VAL A 193 41.15 -15.85 -7.76
N PRO A 194 41.57 -16.13 -6.53
CA PRO A 194 43.01 -16.03 -6.21
C PRO A 194 43.84 -16.90 -7.15
N SER A 195 44.94 -16.33 -7.67
CA SER A 195 45.64 -16.93 -8.81
C SER A 195 46.00 -18.39 -8.58
N SER A 196 46.53 -18.71 -7.41
CA SER A 196 46.94 -20.09 -7.16
C SER A 196 45.77 -21.06 -7.01
N SER A 197 44.56 -20.59 -6.75
CA SER A 197 43.40 -21.48 -6.67
C SER A 197 42.77 -21.82 -8.03
N LEU A 198 43.27 -21.24 -9.12
CA LEU A 198 42.62 -21.39 -10.42
C LEU A 198 42.36 -22.85 -10.81
N GLY A 199 43.37 -23.71 -10.69
CA GLY A 199 43.25 -25.08 -11.12
C GLY A 199 42.46 -26.02 -10.22
N THR A 200 42.01 -25.55 -9.05
CA THR A 200 41.29 -26.40 -8.10
C THR A 200 39.80 -26.56 -8.42
N LYS A 201 39.31 -26.00 -9.53
CA LYS A 201 37.90 -26.04 -9.89
C LYS A 201 37.78 -26.09 -11.40
N THR A 202 36.62 -26.56 -11.88
CA THR A 202 36.25 -26.22 -13.25
C THR A 202 35.29 -25.05 -13.19
N TYR A 203 35.17 -24.35 -14.31
CA TYR A 203 34.40 -23.12 -14.35
C TYR A 203 33.48 -23.23 -15.55
N THR A 204 32.19 -23.28 -15.27
CA THR A 204 31.17 -23.47 -16.28
C THR A 204 30.09 -22.41 -16.09
N CYS A 205 29.86 -21.57 -17.10
CA CYS A 205 28.80 -20.56 -17.02
C CYS A 205 27.52 -21.09 -17.68
N ASN A 206 26.39 -20.94 -16.98
CA ASN A 206 25.09 -21.44 -17.40
C ASN A 206 24.24 -20.23 -17.79
N VAL A 207 23.96 -20.08 -19.09
CA VAL A 207 23.23 -18.93 -19.62
C VAL A 207 21.83 -19.40 -20.00
N ASP A 208 20.82 -18.71 -19.50
CA ASP A 208 19.43 -19.00 -19.84
C ASP A 208 18.70 -17.80 -20.43
N HIS A 209 18.01 -18.01 -21.55
CA HIS A 209 17.20 -16.99 -22.20
C HIS A 209 15.80 -17.52 -22.50
N LYS A 210 14.83 -17.36 -21.58
CA LYS A 210 13.49 -17.91 -21.80
C LYS A 210 12.81 -17.45 -23.09
N PRO A 211 12.86 -16.17 -23.49
CA PRO A 211 12.18 -15.77 -24.74
C PRO A 211 12.51 -16.60 -25.99
N SER A 212 13.72 -17.14 -26.11
CA SER A 212 14.09 -17.97 -27.24
C SER A 212 14.15 -19.44 -26.89
N ASN A 213 13.71 -19.81 -25.69
CA ASN A 213 13.86 -21.16 -25.16
C ASN A 213 15.28 -21.70 -25.33
N THR A 214 16.28 -20.85 -25.03
CA THR A 214 17.71 -21.19 -25.07
C THR A 214 18.24 -21.49 -23.67
N LYS A 215 18.95 -22.61 -23.55
CA LYS A 215 19.67 -22.94 -22.31
C LYS A 215 21.05 -23.45 -22.70
N VAL A 216 22.10 -22.82 -22.16
CA VAL A 216 23.49 -23.09 -22.50
C VAL A 216 24.31 -23.31 -21.23
N ASP A 217 25.25 -24.24 -21.29
CA ASP A 217 26.19 -24.53 -20.21
C ASP A 217 27.57 -24.54 -20.85
N LYS A 218 28.31 -23.44 -20.76
CA LYS A 218 29.61 -23.32 -21.42
C LYS A 218 30.74 -23.53 -20.42
N ARG A 219 31.60 -24.54 -20.67
CA ARG A 219 32.83 -24.69 -19.91
C ARG A 219 33.93 -23.81 -20.52
N VAL A 220 34.56 -23.00 -19.67
CA VAL A 220 35.56 -22.02 -20.03
C VAL A 220 36.94 -22.57 -19.69
N GLU A 221 37.88 -22.50 -20.66
CA GLU A 221 39.24 -22.98 -20.46
C GLU A 221 40.20 -22.00 -21.14
N SER A 222 41.50 -22.22 -20.90
CA SER A 222 42.59 -21.36 -21.38
C SER A 222 42.95 -21.39 -22.88
N LYS A 223 42.95 -22.55 -23.54
CA LYS A 223 43.11 -22.71 -25.01
C LYS A 223 44.59 -23.02 -25.29
N ASP B 1 -5.09 14.92 -7.54
CA ASP B 1 -3.81 14.27 -7.87
C ASP B 1 -2.69 14.92 -7.03
N ILE B 2 -1.97 14.09 -6.28
CA ILE B 2 -0.95 14.53 -5.32
C ILE B 2 0.46 14.24 -5.85
N GLN B 3 1.32 15.28 -5.86
CA GLN B 3 2.74 15.18 -6.21
C GLN B 3 3.61 14.89 -4.98
N MET B 4 4.59 14.01 -5.16
CA MET B 4 5.54 13.71 -4.10
C MET B 4 6.92 14.06 -4.61
N THR B 5 7.58 14.96 -3.92
CA THR B 5 8.89 15.44 -4.31
C THR B 5 9.92 15.05 -3.26
N GLN B 6 10.77 14.11 -3.63
CA GLN B 6 11.83 13.56 -2.79
C GLN B 6 13.16 14.23 -3.11
N SER B 7 13.96 14.53 -2.08
CA SER B 7 15.29 15.14 -2.28
C SER B 7 16.22 14.72 -1.15
N PRO B 8 17.53 14.64 -1.40
CA PRO B 8 18.10 14.87 -2.72
C PRO B 8 17.81 13.70 -3.62
N SER B 9 18.11 13.79 -4.91
CA SER B 9 17.85 12.65 -5.77
C SER B 9 19.03 11.69 -5.81
N THR B 10 20.23 12.16 -5.44
CA THR B 10 21.45 11.37 -5.33
C THR B 10 22.26 11.86 -4.14
N LEU B 11 22.94 10.92 -3.49
CA LEU B 11 23.58 11.14 -2.21
C LEU B 11 24.78 10.22 -2.11
N SER B 12 25.85 10.71 -1.49
CA SER B 12 27.04 9.91 -1.25
C SER B 12 27.45 10.16 0.18
N ALA B 13 27.70 9.10 0.93
CA ALA B 13 28.02 9.26 2.35
C ALA B 13 28.81 8.07 2.83
N SER B 14 29.54 8.28 3.93
CA SER B 14 30.42 7.30 4.55
C SER B 14 29.71 6.45 5.59
N VAL B 15 30.26 5.26 5.80
CA VAL B 15 29.77 4.34 6.81
C VAL B 15 29.72 5.00 8.17
N GLY B 16 28.62 4.80 8.89
CA GLY B 16 28.45 5.41 10.19
C GLY B 16 27.92 6.82 10.16
N ASP B 17 27.81 7.43 8.99
CA ASP B 17 27.24 8.75 8.92
C ASP B 17 25.74 8.68 9.22
N ARG B 18 25.15 9.85 9.42
CA ARG B 18 23.71 10.04 9.49
C ARG B 18 23.24 10.69 8.20
N VAL B 19 22.26 10.06 7.54
CA VAL B 19 21.73 10.59 6.28
C VAL B 19 20.23 10.75 6.44
N THR B 20 19.73 11.82 5.86
CA THR B 20 18.32 12.21 5.91
C THR B 20 17.84 12.44 4.49
N ILE B 21 16.73 11.81 4.16
CA ILE B 21 16.05 11.97 2.89
C ILE B 21 14.72 12.61 3.19
N THR B 22 14.35 13.64 2.44
CA THR B 22 13.06 14.26 2.70
C THR B 22 12.13 14.01 1.54
N CYS B 23 10.86 14.12 1.85
CA CYS B 23 9.79 13.88 0.92
C CYS B 23 8.76 14.95 1.21
N ARG B 24 8.34 15.65 0.16
CA ARG B 24 7.33 16.68 0.30
C ARG B 24 6.14 16.33 -0.56
N ALA B 25 4.94 16.43 0.04
CA ALA B 25 3.68 16.19 -0.65
C ALA B 25 3.04 17.52 -1.07
N SER B 26 2.46 17.52 -2.27
CA SER B 26 1.89 18.77 -2.79
C SER B 26 0.66 19.23 -2.04
N GLN B 27 0.05 18.37 -1.24
CA GLN B 27 -1.01 18.73 -0.31
C GLN B 27 -0.96 17.74 0.85
N SER B 28 -1.70 18.04 1.92
CA SER B 28 -1.53 17.24 3.14
C SER B 28 -2.07 15.83 2.93
N ILE B 29 -1.29 14.85 3.40
CA ILE B 29 -1.59 13.42 3.34
C ILE B 29 -1.63 12.82 4.75
N SER B 30 -1.84 13.66 5.77
CA SER B 30 -1.82 13.24 7.17
C SER B 30 -0.55 12.49 7.49
N SER B 31 -0.66 11.24 7.89
CA SER B 31 0.50 10.38 8.08
C SER B 31 0.50 9.18 7.14
N TRP B 32 -0.24 9.23 6.03
CA TRP B 32 -0.34 8.09 5.12
C TRP B 32 0.87 8.06 4.17
N LEU B 33 2.03 7.80 4.75
CA LEU B 33 3.24 7.80 3.95
C LEU B 33 4.09 6.58 4.24
N ALA B 34 4.53 5.88 3.20
CA ALA B 34 5.39 4.73 3.34
C ALA B 34 6.72 4.98 2.65
N TRP B 35 7.74 4.28 3.13
CA TRP B 35 9.10 4.29 2.57
C TRP B 35 9.49 2.90 2.10
N TYR B 36 10.09 2.84 0.92
CA TYR B 36 10.56 1.59 0.36
C TYR B 36 12.06 1.66 0.15
N GLN B 37 12.72 0.50 0.24
CA GLN B 37 14.13 0.33 -0.11
C GLN B 37 14.22 -0.61 -1.31
N GLN B 38 14.96 -0.21 -2.35
CA GLN B 38 15.20 -1.08 -3.51
C GLN B 38 16.69 -1.21 -3.79
N LYS B 39 17.19 -2.41 -3.59
CA LYS B 39 18.56 -2.78 -3.87
C LYS B 39 18.66 -3.33 -5.29
N PRO B 40 19.85 -3.33 -5.90
CA PRO B 40 19.96 -3.67 -7.33
C PRO B 40 19.50 -5.08 -7.63
N GLY B 41 18.75 -5.24 -8.71
CA GLY B 41 18.17 -6.52 -9.09
C GLY B 41 17.17 -7.18 -8.14
N LYS B 42 16.66 -6.43 -7.16
CA LYS B 42 15.66 -6.92 -6.23
C LYS B 42 14.38 -6.08 -6.26
N ALA B 43 13.32 -6.68 -5.75
CA ALA B 43 12.06 -5.98 -5.59
C ALA B 43 12.14 -4.96 -4.46
N PRO B 44 11.31 -3.92 -4.50
CA PRO B 44 11.27 -2.96 -3.40
C PRO B 44 10.94 -3.65 -2.09
N LYS B 45 11.46 -3.11 -1.01
CA LYS B 45 11.24 -3.68 0.30
C LYS B 45 10.58 -2.67 1.22
N PHE B 46 9.47 -3.11 1.84
CA PHE B 46 8.69 -2.29 2.76
C PHE B 46 9.51 -1.98 4.00
N LEU B 47 9.79 -0.69 4.26
CA LEU B 47 10.52 -0.29 5.45
C LEU B 47 9.67 0.30 6.57
N ILE B 48 8.91 1.36 6.25
CA ILE B 48 8.18 2.22 7.18
C ILE B 48 6.76 2.42 6.65
N TYR B 49 5.77 2.37 7.53
CA TYR B 49 4.41 2.75 7.17
C TYR B 49 3.82 3.75 8.16
N LYS B 50 2.74 4.42 7.76
CA LYS B 50 2.13 5.45 8.60
C LYS B 50 3.15 6.47 9.07
N ALA B 51 4.10 6.79 8.18
CA ALA B 51 5.09 7.84 8.29
C ALA B 51 6.21 7.51 9.25
N SER B 52 5.94 6.69 10.29
CA SER B 52 6.92 6.47 11.34
C SER B 52 6.95 5.09 11.98
N LYS B 53 6.12 4.15 11.56
CA LYS B 53 6.11 2.83 12.19
C LYS B 53 6.91 1.88 11.32
N LEU B 54 7.69 1.04 11.96
CA LEU B 54 8.56 0.12 11.22
C LEU B 54 7.89 -1.21 10.90
N GLU B 55 8.01 -1.68 9.66
CA GLU B 55 7.67 -3.06 9.37
C GLU B 55 8.62 -3.99 10.15
N ARG B 56 8.14 -5.20 10.41
CA ARG B 56 8.93 -6.23 11.08
C ARG B 56 10.19 -6.51 10.24
N GLY B 57 11.33 -6.70 10.90
CA GLY B 57 12.54 -6.96 10.15
C GLY B 57 13.18 -5.79 9.42
N THR B 58 12.91 -4.57 9.87
CA THR B 58 13.63 -3.46 9.32
C THR B 58 14.41 -2.90 10.49
N PRO B 59 15.74 -2.74 10.32
CA PRO B 59 16.62 -2.38 11.45
C PRO B 59 16.22 -1.09 12.12
N SER B 60 16.52 -1.01 13.41
CA SER B 60 16.15 0.18 14.17
C SER B 60 16.90 1.47 13.81
N ARG B 61 17.94 1.43 12.97
CA ARG B 61 18.60 2.64 12.46
C ARG B 61 17.79 3.41 11.42
N PHE B 62 16.78 2.78 10.84
CA PHE B 62 15.79 3.46 10.01
C PHE B 62 14.72 4.10 10.87
N SER B 63 14.44 5.36 10.58
CA SER B 63 13.51 6.15 11.35
C SER B 63 12.75 7.09 10.41
N GLY B 64 11.44 7.19 10.61
CA GLY B 64 10.61 8.09 9.82
C GLY B 64 9.89 9.06 10.73
N SER B 65 9.69 10.29 10.25
CA SER B 65 8.94 11.29 11.01
C SER B 65 8.24 12.19 10.02
N GLY B 66 7.32 13.00 10.53
CA GLY B 66 6.63 13.97 9.72
C GLY B 66 5.17 13.64 9.49
N ASP B 67 4.46 14.67 9.01
CA ASP B 67 3.04 14.62 8.76
C ASP B 67 2.63 15.79 7.87
N GLY B 68 1.52 15.62 7.15
CA GLY B 68 1.05 16.69 6.30
C GLY B 68 1.78 16.79 5.00
N THR B 69 2.74 17.70 4.91
CA THR B 69 3.46 17.84 3.65
C THR B 69 4.95 17.61 3.77
N GLU B 70 5.52 17.49 4.98
CA GLU B 70 6.96 17.37 5.12
C GLU B 70 7.28 16.11 5.91
N PHE B 71 8.12 15.25 5.32
CA PHE B 71 8.44 13.94 5.86
C PHE B 71 9.93 13.68 5.67
N SER B 72 10.48 12.81 6.52
CA SER B 72 11.88 12.46 6.38
C SER B 72 12.07 11.00 6.77
N LEU B 73 13.00 10.35 6.08
CA LEU B 73 13.52 9.03 6.43
C LEU B 73 14.95 9.26 6.88
N THR B 74 15.26 8.79 8.07
CA THR B 74 16.60 8.93 8.64
C THR B 74 17.34 7.63 8.89
N ILE B 75 18.58 7.53 8.40
CA ILE B 75 19.41 6.36 8.70
C ILE B 75 20.46 6.87 9.68
N SER B 76 20.26 6.48 10.93
CA SER B 76 21.08 6.67 12.12
C SER B 76 22.58 6.49 11.92
N SER B 77 22.99 5.24 11.67
CA SER B 77 24.35 4.82 11.33
C SER B 77 24.66 4.00 10.07
N LEU B 78 24.97 4.65 8.94
CA LEU B 78 24.75 4.02 7.65
C LEU B 78 25.76 2.90 7.44
N GLN B 79 25.30 1.79 6.86
CA GLN B 79 26.11 0.61 6.57
C GLN B 79 26.32 0.32 5.10
N PRO B 80 27.40 -0.42 4.74
CA PRO B 80 27.62 -0.71 3.32
C PRO B 80 26.47 -1.42 2.69
N ASP B 81 25.78 -2.28 3.43
CA ASP B 81 24.62 -2.89 2.80
C ASP B 81 23.46 -1.90 2.66
N ASP B 82 23.57 -0.66 3.13
CA ASP B 82 22.49 0.27 2.88
C ASP B 82 22.51 0.90 1.51
N PHE B 83 23.49 0.60 0.65
CA PHE B 83 23.42 1.04 -0.74
C PHE B 83 22.11 0.61 -1.41
N ALA B 84 21.32 1.59 -1.84
CA ALA B 84 19.98 1.35 -2.37
C ALA B 84 19.38 2.67 -2.88
N THR B 85 18.25 2.55 -3.59
CA THR B 85 17.38 3.69 -3.86
C THR B 85 16.17 3.63 -2.94
N TYR B 86 15.86 4.74 -2.29
CA TYR B 86 14.78 4.82 -1.33
C TYR B 86 13.71 5.69 -1.97
N TYR B 87 12.45 5.24 -1.86
CA TYR B 87 11.28 5.88 -2.43
C TYR B 87 10.27 6.09 -1.33
N CYS B 88 9.63 7.27 -1.30
CA CYS B 88 8.43 7.46 -0.49
C CYS B 88 7.16 7.14 -1.29
N LEU B 89 6.08 6.83 -0.58
CA LEU B 89 4.81 6.54 -1.23
C LEU B 89 3.70 7.10 -0.35
N GLU B 90 2.93 8.02 -0.93
CA GLU B 90 1.72 8.50 -0.33
C GLU B 90 0.62 7.53 -0.68
N TYR B 91 -0.19 7.16 0.30
CA TYR B 91 -1.39 6.37 0.06
C TYR B 91 -2.60 7.04 0.72
N SER B 92 -2.58 8.36 0.76
CA SER B 92 -3.80 9.07 1.08
C SER B 92 -4.78 9.01 -0.08
N SER B 93 -4.29 9.14 -1.31
CA SER B 93 -5.15 8.94 -2.47
C SER B 93 -5.06 7.50 -2.98
N TYR B 94 -6.04 7.13 -3.80
CA TYR B 94 -6.01 5.79 -4.36
C TYR B 94 -4.99 5.63 -5.49
N ILE B 95 -4.51 6.76 -6.05
CA ILE B 95 -3.56 6.78 -7.18
C ILE B 95 -2.18 6.29 -6.76
N ARG B 96 -1.81 6.51 -5.51
CA ARG B 96 -0.57 6.06 -4.88
C ARG B 96 0.67 6.56 -5.64
N THR B 97 0.87 7.85 -5.49
CA THR B 97 2.00 8.52 -6.09
C THR B 97 3.27 8.14 -5.35
N PHE B 98 4.27 7.64 -6.09
CA PHE B 98 5.61 7.39 -5.56
C PHE B 98 6.51 8.62 -5.69
N GLY B 99 7.42 8.76 -4.75
CA GLY B 99 8.53 9.68 -4.93
C GLY B 99 9.47 9.27 -6.05
N GLN B 100 10.33 10.21 -6.45
CA GLN B 100 11.27 9.97 -7.53
C GLN B 100 12.41 9.05 -7.13
N GLY B 101 12.64 8.88 -5.83
CA GLY B 101 13.72 8.02 -5.42
C GLY B 101 14.98 8.80 -5.07
N THR B 102 15.74 8.27 -4.13
CA THR B 102 17.01 8.86 -3.73
C THR B 102 18.05 7.76 -3.82
N LYS B 103 19.03 7.92 -4.71
CA LYS B 103 20.07 6.90 -4.74
C LYS B 103 21.15 7.29 -3.74
N VAL B 104 21.46 6.35 -2.84
CA VAL B 104 22.43 6.54 -1.78
C VAL B 104 23.65 5.70 -2.13
N GLU B 105 24.78 6.38 -2.39
CA GLU B 105 26.05 5.71 -2.62
C GLU B 105 26.93 5.81 -1.36
N ILE B 106 27.77 4.80 -1.16
CA ILE B 106 28.67 4.71 -0.01
C ILE B 106 30.06 5.20 -0.42
N LYS B 107 30.66 6.11 0.37
CA LYS B 107 32.06 6.50 0.18
C LYS B 107 32.99 5.47 0.82
N ARG B 108 34.16 5.27 0.22
CA ARG B 108 35.12 4.37 0.81
C ARG B 108 36.49 4.85 0.37
N THR B 109 37.53 4.17 0.80
CA THR B 109 38.85 4.62 0.38
C THR B 109 39.09 4.28 -1.08
N VAL B 110 40.05 4.98 -1.68
CA VAL B 110 40.37 4.75 -3.07
C VAL B 110 40.88 3.32 -3.20
N ALA B 111 40.54 2.68 -4.31
CA ALA B 111 41.01 1.32 -4.58
C ALA B 111 41.32 1.20 -6.06
N ALA B 112 42.49 0.79 -6.37
CA ALA B 112 42.80 0.73 -7.79
C ALA B 112 42.18 -0.51 -8.47
N PRO B 113 41.87 -0.39 -9.74
CA PRO B 113 41.33 -1.53 -10.49
C PRO B 113 42.40 -2.57 -10.80
N SER B 114 41.98 -3.82 -10.81
CA SER B 114 42.75 -4.90 -11.43
C SER B 114 42.31 -5.05 -12.87
N VAL B 115 43.26 -5.10 -13.80
CA VAL B 115 42.96 -4.99 -15.22
C VAL B 115 43.31 -6.29 -15.91
N PHE B 116 42.40 -6.76 -16.77
CA PHE B 116 42.55 -7.99 -17.53
C PHE B 116 42.09 -7.75 -18.97
N ILE B 117 42.75 -8.41 -19.94
CA ILE B 117 42.31 -8.37 -21.33
C ILE B 117 42.01 -9.79 -21.78
N PHE B 118 40.91 -9.95 -22.54
CA PHE B 118 40.53 -11.24 -23.10
C PHE B 118 40.49 -11.13 -24.61
N PRO B 119 41.09 -12.07 -25.34
CA PRO B 119 41.00 -12.06 -26.81
C PRO B 119 39.71 -12.66 -27.32
N PRO B 120 39.36 -12.40 -28.58
CA PRO B 120 38.21 -13.09 -29.17
C PRO B 120 38.46 -14.58 -29.20
N SER B 121 37.37 -15.33 -29.08
CA SER B 121 37.45 -16.77 -29.11
C SER B 121 37.61 -17.27 -30.52
N ASP B 122 38.04 -18.51 -30.63
CA ASP B 122 38.12 -19.09 -31.97
C ASP B 122 36.72 -19.28 -32.53
N GLU B 123 35.80 -19.78 -31.69
CA GLU B 123 34.42 -20.04 -32.10
C GLU B 123 33.69 -18.77 -32.52
N GLN B 124 34.01 -17.62 -31.91
CA GLN B 124 33.42 -16.35 -32.32
C GLN B 124 34.01 -15.83 -33.60
N LEU B 125 35.28 -16.13 -33.85
CA LEU B 125 35.93 -15.69 -35.08
C LEU B 125 35.31 -16.37 -36.29
N LYS B 126 34.89 -17.63 -36.14
CA LYS B 126 34.22 -18.34 -37.24
C LYS B 126 32.98 -17.57 -37.71
N SER B 127 32.30 -16.86 -36.80
CA SER B 127 31.07 -16.17 -37.17
C SER B 127 31.29 -14.86 -37.91
N GLY B 128 32.51 -14.33 -37.95
CA GLY B 128 32.76 -13.14 -38.74
C GLY B 128 32.95 -11.88 -37.92
N THR B 129 32.85 -11.98 -36.59
CA THR B 129 33.01 -10.82 -35.73
C THR B 129 34.00 -11.20 -34.63
N ALA B 130 34.77 -10.20 -34.19
CA ALA B 130 35.75 -10.35 -33.12
C ALA B 130 35.46 -9.34 -32.02
N SER B 131 35.25 -9.82 -30.80
CA SER B 131 35.11 -8.96 -29.65
C SER B 131 36.32 -9.11 -28.73
N VAL B 132 36.90 -7.99 -28.34
CA VAL B 132 38.01 -7.98 -27.39
C VAL B 132 37.49 -7.27 -26.17
N VAL B 133 37.62 -7.92 -25.01
CA VAL B 133 37.04 -7.44 -23.77
C VAL B 133 38.17 -7.08 -22.82
N CYS B 134 38.04 -5.90 -22.20
CA CYS B 134 38.94 -5.44 -21.16
C CYS B 134 38.14 -5.26 -19.87
N LEU B 135 38.62 -5.83 -18.78
CA LEU B 135 37.95 -5.83 -17.49
C LEU B 135 38.72 -4.97 -16.48
N LEU B 136 38.02 -4.05 -15.82
CA LEU B 136 38.52 -3.23 -14.71
C LEU B 136 37.79 -3.69 -13.46
N ASN B 137 38.53 -4.28 -12.53
CA ASN B 137 37.90 -4.98 -11.43
C ASN B 137 38.10 -4.33 -10.07
N ASN B 138 36.98 -4.12 -9.37
CA ASN B 138 36.94 -3.85 -7.93
C ASN B 138 37.69 -2.57 -7.56
N PHE B 139 37.16 -1.45 -8.05
CA PHE B 139 37.77 -0.15 -7.83
C PHE B 139 36.77 0.85 -7.28
N TYR B 140 37.31 1.96 -6.79
CA TYR B 140 36.59 3.10 -6.28
C TYR B 140 37.56 4.26 -6.34
N PRO B 141 37.12 5.45 -6.77
CA PRO B 141 35.71 5.66 -7.13
C PRO B 141 35.37 5.22 -8.55
N ARG B 142 34.11 5.50 -8.91
CA ARG B 142 33.53 4.96 -10.14
C ARG B 142 34.13 5.58 -11.40
N GLU B 143 34.67 6.79 -11.31
CA GLU B 143 35.24 7.46 -12.47
C GLU B 143 36.50 6.77 -12.98
N ALA B 144 36.52 6.46 -14.27
CA ALA B 144 37.66 5.81 -14.87
C ALA B 144 37.65 6.11 -16.36
N LYS B 145 38.84 5.98 -16.98
CA LYS B 145 39.04 6.22 -18.40
C LYS B 145 39.66 4.96 -19.03
N VAL B 146 39.04 4.47 -20.09
CA VAL B 146 39.52 3.29 -20.82
C VAL B 146 39.73 3.69 -22.28
N GLN B 147 40.96 3.49 -22.79
CA GLN B 147 41.28 3.77 -24.19
C GLN B 147 41.85 2.52 -24.85
N TRP B 148 41.32 2.17 -26.04
CA TRP B 148 41.85 1.06 -26.81
C TRP B 148 42.91 1.53 -27.81
N LYS B 149 43.91 0.68 -28.03
CA LYS B 149 44.98 0.91 -28.98
C LYS B 149 45.33 -0.36 -29.74
N VAL B 150 45.35 -0.25 -31.06
CA VAL B 150 45.75 -1.33 -31.95
C VAL B 150 46.99 -0.85 -32.68
N ASP B 151 48.12 -1.53 -32.47
CA ASP B 151 49.44 -1.10 -32.96
C ASP B 151 49.71 0.38 -32.64
N ALA B 152 49.59 0.72 -31.36
CA ALA B 152 49.80 2.06 -30.80
C ALA B 152 48.81 3.10 -31.32
N ALA B 153 47.79 2.70 -32.08
CA ALA B 153 46.86 3.64 -32.71
C ALA B 153 45.55 3.69 -31.91
N LEU B 154 45.28 4.84 -31.30
CA LEU B 154 44.06 5.05 -30.52
C LEU B 154 42.80 4.79 -31.34
N GLN B 155 41.83 4.09 -30.75
CA GLN B 155 40.57 3.73 -31.38
C GLN B 155 39.45 4.69 -31.00
N SER B 156 38.38 4.67 -31.79
CA SER B 156 37.27 5.58 -31.52
C SER B 156 35.98 4.98 -32.06
N GLY B 157 34.86 5.29 -31.38
CA GLY B 157 33.54 4.85 -31.79
C GLY B 157 33.36 3.35 -31.92
N ASN B 158 34.27 2.57 -31.35
CA ASN B 158 34.40 1.15 -31.62
C ASN B 158 34.07 0.27 -30.44
N SER B 159 33.80 0.86 -29.28
CA SER B 159 33.88 0.18 -28.01
C SER B 159 32.69 0.62 -27.17
N GLN B 160 32.22 -0.28 -26.30
CA GLN B 160 31.07 -0.02 -25.45
C GLN B 160 31.41 -0.43 -24.04
N GLU B 161 31.03 0.41 -23.08
CA GLU B 161 31.33 0.20 -21.68
C GLU B 161 30.07 -0.24 -20.97
N SER B 162 30.27 -0.92 -19.85
CA SER B 162 29.22 -1.36 -18.93
C SER B 162 29.78 -1.36 -17.52
N VAL B 163 28.98 -0.88 -16.56
CA VAL B 163 29.41 -0.71 -15.16
C VAL B 163 28.49 -1.49 -14.23
N THR B 164 29.05 -2.10 -13.19
CA THR B 164 28.21 -2.75 -12.21
C THR B 164 27.62 -1.71 -11.27
N GLU B 165 26.61 -2.11 -10.52
CA GLU B 165 26.20 -1.29 -9.41
C GLU B 165 27.23 -1.40 -8.29
N GLN B 166 27.20 -0.43 -7.38
CA GLN B 166 28.12 -0.50 -6.26
C GLN B 166 27.93 -1.79 -5.49
N ASP B 167 29.04 -2.43 -5.14
CA ASP B 167 28.99 -3.69 -4.42
C ASP B 167 28.53 -3.52 -2.98
N SER B 168 27.65 -4.43 -2.55
CA SER B 168 27.03 -4.27 -1.24
C SER B 168 27.96 -4.60 -0.07
N LYS B 169 29.10 -5.26 -0.28
CA LYS B 169 30.02 -5.54 0.82
C LYS B 169 31.26 -4.65 0.83
N ASP B 170 32.02 -4.65 -0.26
CA ASP B 170 33.28 -3.89 -0.33
C ASP B 170 33.10 -2.54 -1.04
N SER B 171 31.88 -2.21 -1.49
CA SER B 171 31.52 -0.89 -2.00
C SER B 171 32.33 -0.50 -3.21
N THR B 172 32.78 -1.47 -3.98
CA THR B 172 33.56 -1.20 -5.19
C THR B 172 32.75 -1.36 -6.47
N TYR B 173 33.38 -0.96 -7.57
CA TYR B 173 32.79 -1.08 -8.89
C TYR B 173 33.63 -1.99 -9.77
N SER B 174 33.00 -2.59 -10.77
CA SER B 174 33.67 -3.23 -11.88
C SER B 174 33.11 -2.71 -13.19
N LEU B 175 33.93 -2.81 -14.24
CA LEU B 175 33.63 -2.27 -15.55
C LEU B 175 34.13 -3.21 -16.63
N SER B 176 33.35 -3.35 -17.72
CA SER B 176 33.81 -4.00 -18.93
C SER B 176 33.81 -3.00 -20.07
N SER B 177 34.75 -3.16 -20.99
CA SER B 177 34.77 -2.44 -22.25
C SER B 177 34.91 -3.46 -23.37
N THR B 178 34.02 -3.43 -24.35
CA THR B 178 34.02 -4.40 -25.43
C THR B 178 34.38 -3.73 -26.75
N LEU B 179 35.51 -4.13 -27.34
CA LEU B 179 35.91 -3.69 -28.68
C LEU B 179 35.37 -4.67 -29.73
N THR B 180 34.56 -4.18 -30.66
CA THR B 180 33.97 -5.04 -31.68
C THR B 180 34.59 -4.74 -33.05
N LEU B 181 34.97 -5.80 -33.80
CA LEU B 181 35.66 -5.68 -35.08
C LEU B 181 35.20 -6.74 -36.07
N SER B 182 35.30 -6.41 -37.35
CA SER B 182 35.15 -7.44 -38.37
C SER B 182 36.28 -8.46 -38.23
N LYS B 183 35.98 -9.73 -38.49
CA LYS B 183 37.03 -10.74 -38.53
C LYS B 183 38.15 -10.30 -39.45
N ALA B 184 37.79 -9.68 -40.57
CA ALA B 184 38.76 -9.21 -41.55
C ALA B 184 39.71 -8.17 -40.95
N ASP B 185 39.15 -7.09 -40.40
CA ASP B 185 39.96 -6.02 -39.85
C ASP B 185 40.72 -6.45 -38.60
N TYR B 186 40.26 -7.50 -37.91
CA TYR B 186 41.01 -8.04 -36.78
C TYR B 186 42.37 -8.59 -37.20
N GLU B 187 42.39 -9.36 -38.27
CA GLU B 187 43.63 -9.93 -38.79
C GLU B 187 44.52 -8.92 -39.53
N LYS B 188 44.11 -7.66 -39.66
CA LYS B 188 45.01 -6.66 -40.23
C LYS B 188 45.90 -6.03 -39.20
N HIS B 189 46.02 -6.63 -38.02
CA HIS B 189 46.79 -6.04 -36.95
C HIS B 189 47.29 -7.16 -36.05
N LYS B 190 48.28 -6.82 -35.23
CA LYS B 190 48.90 -7.80 -34.35
C LYS B 190 48.64 -7.47 -32.88
N VAL B 191 48.99 -6.28 -32.43
CA VAL B 191 49.00 -5.91 -31.02
C VAL B 191 47.71 -5.19 -30.65
N TYR B 192 46.99 -5.76 -29.68
CA TYR B 192 45.76 -5.19 -29.11
C TYR B 192 45.97 -4.85 -27.63
N ALA B 193 45.72 -3.60 -27.28
CA ALA B 193 46.09 -3.11 -25.97
C ALA B 193 44.95 -2.34 -25.31
N CYS B 194 44.80 -2.55 -24.01
CA CYS B 194 43.88 -1.83 -23.15
C CYS B 194 44.69 -0.91 -22.21
N GLU B 195 44.41 0.40 -22.23
CA GLU B 195 45.11 1.35 -21.36
C GLU B 195 44.10 2.02 -20.43
N VAL B 196 44.42 2.02 -19.13
CA VAL B 196 43.45 2.31 -18.07
C VAL B 196 43.97 3.42 -17.19
N THR B 197 43.13 4.41 -16.93
CA THR B 197 43.47 5.53 -16.07
C THR B 197 42.53 5.58 -14.88
N HIS B 198 43.08 5.69 -13.68
CA HIS B 198 42.24 5.73 -12.49
C HIS B 198 43.04 6.41 -11.40
N GLN B 199 42.32 7.15 -10.55
CA GLN B 199 42.99 7.90 -9.51
C GLN B 199 43.67 7.00 -8.50
N GLY B 200 43.33 5.71 -8.48
CA GLY B 200 44.09 4.77 -7.67
C GLY B 200 45.41 4.33 -8.27
N LEU B 201 45.63 4.62 -9.55
CA LEU B 201 46.85 4.24 -10.25
C LEU B 201 47.76 5.45 -10.41
N SER B 202 49.04 5.29 -10.07
CA SER B 202 49.98 6.39 -10.22
C SER B 202 50.19 6.74 -11.69
N SER B 203 50.55 5.77 -12.49
CA SER B 203 50.63 5.89 -13.94
C SER B 203 49.64 4.93 -14.59
N PRO B 204 49.21 5.20 -15.82
CA PRO B 204 48.28 4.28 -16.50
C PRO B 204 48.82 2.87 -16.64
N VAL B 205 47.91 1.90 -16.62
CA VAL B 205 48.27 0.49 -16.71
C VAL B 205 47.75 -0.06 -18.02
N THR B 206 48.59 -0.82 -18.70
CA THR B 206 48.28 -1.36 -20.01
C THR B 206 48.44 -2.88 -19.93
N LYS B 207 47.44 -3.59 -20.40
CA LYS B 207 47.48 -5.02 -20.61
C LYS B 207 47.21 -5.22 -22.09
N SER B 208 48.09 -5.94 -22.77
CA SER B 208 47.93 -6.18 -24.20
C SER B 208 48.06 -7.65 -24.52
N PHE B 209 47.81 -8.01 -25.77
CA PHE B 209 48.17 -9.33 -26.26
C PHE B 209 48.44 -9.24 -27.74
N ASN B 210 49.10 -10.26 -28.27
CA ASN B 210 49.39 -10.35 -29.70
C ASN B 210 48.50 -11.38 -30.36
N ARG B 211 47.81 -10.95 -31.40
CA ARG B 211 47.01 -11.88 -32.18
C ARG B 211 47.92 -12.95 -32.75
N GLY B 212 47.38 -14.14 -32.92
CA GLY B 212 48.19 -15.23 -33.42
C GLY B 212 48.82 -16.02 -32.29
N GLU B 213 49.58 -15.37 -31.41
CA GLU B 213 49.93 -16.02 -30.15
C GLU B 213 48.69 -16.34 -29.31
N CYS B 214 47.54 -15.73 -29.61
CA CYS B 214 46.28 -16.02 -28.88
C CYS B 214 45.13 -16.30 -29.86
N ASP C 2 -22.00 40.99 11.27
CA ASP C 2 -21.55 40.84 12.64
C ASP C 2 -21.66 39.41 13.13
N VAL C 3 -22.90 38.96 13.31
CA VAL C 3 -23.22 37.64 13.82
C VAL C 3 -23.81 36.85 12.67
N THR C 4 -23.10 35.82 12.21
CA THR C 4 -23.59 34.94 11.17
C THR C 4 -23.59 33.49 11.66
N CYS C 5 -24.32 32.61 10.96
CA CYS C 5 -24.35 31.19 11.32
C CYS C 5 -23.04 30.46 11.07
N ASN C 6 -22.16 31.02 10.25
CA ASN C 6 -20.92 30.29 9.97
C ASN C 6 -19.87 30.46 11.07
N ILE C 7 -20.06 31.39 12.01
CA ILE C 7 -19.23 31.44 13.21
C ILE C 7 -20.06 30.98 14.40
N LYS C 8 -19.54 30.01 15.15
CA LYS C 8 -20.12 29.59 16.43
C LYS C 8 -21.66 29.33 16.41
N ASN C 9 -22.20 28.88 15.27
CA ASN C 9 -23.65 28.65 15.06
C ASN C 9 -24.54 29.86 15.34
N GLY C 10 -24.04 31.07 15.14
CA GLY C 10 -24.81 32.28 15.40
C GLY C 10 -25.21 32.53 16.83
N ARG C 11 -24.47 31.96 17.79
CA ARG C 11 -24.69 32.00 19.24
C ARG C 11 -25.98 31.29 19.69
N CYS C 12 -26.65 30.58 18.78
CA CYS C 12 -27.86 29.82 19.07
C CYS C 12 -27.53 28.52 19.80
N GLU C 13 -28.36 28.21 20.81
CA GLU C 13 -28.21 26.95 21.54
C GLU C 13 -28.44 25.76 20.60
N GLN C 14 -29.48 25.83 19.75
CA GLN C 14 -29.71 24.68 18.89
C GLN C 14 -29.51 25.02 17.41
N PHE C 15 -30.52 25.58 16.74
CA PHE C 15 -30.48 25.80 15.29
C PHE C 15 -30.42 27.26 14.91
N CYS C 16 -29.81 27.51 13.74
CA CYS C 16 -29.55 28.84 13.19
C CYS C 16 -29.84 28.88 11.68
N LYS C 17 -30.58 29.91 11.22
CA LYS C 17 -30.78 30.24 9.80
C LYS C 17 -30.42 31.71 9.55
N ASN C 18 -29.68 31.98 8.46
CA ASN C 18 -29.38 33.37 8.11
C ASN C 18 -30.60 34.09 7.54
N SER C 19 -30.86 35.30 8.08
CA SER C 19 -31.90 36.23 7.69
C SER C 19 -31.23 37.43 6.99
N ALA C 20 -31.99 38.49 6.76
CA ALA C 20 -31.43 39.66 6.10
C ALA C 20 -30.46 40.45 7.01
N ASP C 21 -29.78 41.41 6.38
CA ASP C 21 -28.85 42.37 6.99
C ASP C 21 -27.70 41.71 7.78
N ASN C 22 -27.34 40.46 7.45
CA ASN C 22 -26.17 39.78 8.02
C ASN C 22 -26.31 39.64 9.54
N LYS C 23 -27.44 39.08 9.98
CA LYS C 23 -27.67 38.70 11.37
C LYS C 23 -28.61 37.48 11.35
N VAL C 24 -28.84 36.82 12.51
CA VAL C 24 -29.38 35.45 12.54
C VAL C 24 -30.76 35.35 13.19
N VAL C 25 -31.44 34.22 12.91
CA VAL C 25 -32.67 33.80 13.59
C VAL C 25 -32.47 32.37 14.11
N CYS C 26 -32.71 32.16 15.41
CA CYS C 26 -32.55 30.84 16.03
C CYS C 26 -33.86 30.06 16.09
N SER C 27 -33.71 28.74 16.22
CA SER C 27 -34.86 27.85 16.31
C SER C 27 -34.47 26.69 17.21
N CYS C 28 -35.48 25.93 17.55
CA CYS C 28 -35.34 24.80 18.43
C CYS C 28 -36.07 23.64 17.79
N THR C 29 -35.67 22.44 18.19
CA THR C 29 -36.29 21.21 17.72
C THR C 29 -37.66 21.02 18.38
N GLU C 30 -38.48 20.10 17.87
CA GLU C 30 -39.83 19.94 18.40
C GLU C 30 -39.82 19.68 19.89
N GLY C 31 -40.78 20.28 20.57
CA GLY C 31 -40.81 20.19 22.00
C GLY C 31 -40.04 21.27 22.70
N TYR C 32 -39.47 22.22 21.95
CA TYR C 32 -38.74 23.31 22.57
C TYR C 32 -39.26 24.65 22.05
N ARG C 33 -39.08 25.67 22.88
CA ARG C 33 -39.50 27.04 22.62
C ARG C 33 -38.23 27.88 22.57
N LEU C 34 -38.20 28.87 21.68
CA LEU C 34 -37.11 29.82 21.77
C LEU C 34 -37.24 30.60 23.08
N ALA C 35 -36.20 30.57 23.91
CA ALA C 35 -36.15 31.31 25.17
C ALA C 35 -36.24 32.82 24.94
N GLU C 36 -36.51 33.53 26.04
CA GLU C 36 -36.70 34.97 25.95
C GLU C 36 -35.44 35.70 25.48
N ASN C 37 -34.24 35.17 25.78
CA ASN C 37 -32.98 35.71 25.27
C ASN C 37 -32.70 35.38 23.80
N GLN C 38 -33.59 34.67 23.12
CA GLN C 38 -33.51 34.42 21.67
C GLN C 38 -32.27 33.64 21.25
N LYS C 39 -31.48 33.13 22.19
CA LYS C 39 -30.37 32.23 21.93
C LYS C 39 -30.60 30.84 22.50
N SER C 40 -31.14 30.75 23.71
CA SER C 40 -31.31 29.48 24.38
C SER C 40 -32.69 28.89 24.08
N CYS C 41 -32.84 27.61 24.42
CA CYS C 41 -34.04 26.83 24.16
C CYS C 41 -34.63 26.35 25.48
N GLU C 42 -35.97 26.42 25.61
CA GLU C 42 -36.70 26.00 26.80
C GLU C 42 -37.79 25.01 26.43
N PRO C 43 -38.10 24.08 27.34
CA PRO C 43 -39.10 23.04 27.06
C PRO C 43 -40.51 23.59 26.85
N ALA C 44 -41.17 23.04 25.82
CA ALA C 44 -42.57 23.33 25.54
C ALA C 44 -43.47 22.12 25.77
N VAL C 45 -42.95 21.09 26.42
CA VAL C 45 -43.69 19.87 26.72
C VAL C 45 -43.18 19.36 28.06
N PRO C 46 -43.87 18.42 28.73
CA PRO C 46 -43.35 17.95 30.02
C PRO C 46 -42.14 17.04 29.88
N PHE C 47 -42.02 16.32 28.75
CA PHE C 47 -40.92 15.40 28.52
C PHE C 47 -40.35 15.62 27.14
N PRO C 48 -39.59 16.71 26.97
CA PRO C 48 -39.01 17.00 25.66
C PRO C 48 -37.90 16.01 25.34
N CYS C 49 -37.70 15.79 24.04
CA CYS C 49 -36.70 14.83 23.57
C CYS C 49 -35.31 15.13 24.14
N GLY C 50 -34.54 14.06 24.36
CA GLY C 50 -33.10 14.17 24.53
C GLY C 50 -32.62 14.80 25.83
N ARG C 51 -33.50 15.00 26.81
CA ARG C 51 -33.10 15.57 28.08
C ARG C 51 -33.29 14.58 29.23
N VAL C 52 -32.32 14.56 30.14
CA VAL C 52 -32.45 13.87 31.42
C VAL C 52 -33.17 14.79 32.37
N SER C 53 -34.18 14.27 33.02
CA SER C 53 -35.04 15.20 33.74
C SER C 53 -35.49 14.71 35.11
N VAL C 54 -34.76 13.79 35.75
CA VAL C 54 -34.96 13.54 37.19
C VAL C 54 -34.47 14.79 37.93
N SER C 55 -34.60 15.95 37.29
CA SER C 55 -33.86 17.19 37.56
C SER C 55 -34.73 18.40 37.15
N VAL D 1 -21.66 -3.58 25.36
CA VAL D 1 -20.67 -2.53 25.49
C VAL D 1 -19.45 -3.05 26.29
N VAL D 2 -18.30 -3.05 25.62
CA VAL D 2 -17.04 -3.46 26.22
C VAL D 2 -16.36 -2.24 26.82
N GLY D 3 -15.95 -2.34 28.07
CA GLY D 3 -15.17 -1.27 28.63
C GLY D 3 -15.91 0.02 28.96
N GLY D 4 -17.21 -0.05 29.18
CA GLY D 4 -18.01 1.11 29.54
C GLY D 4 -18.25 1.20 31.02
N GLU D 5 -19.25 1.99 31.40
CA GLU D 5 -19.62 2.17 32.80
C GLU D 5 -21.11 1.92 32.96
N ASP D 6 -21.47 1.60 34.20
CA ASP D 6 -22.86 1.45 34.58
C ASP D 6 -23.58 2.77 34.46
N ALA D 7 -24.67 2.79 33.69
CA ALA D 7 -25.52 3.98 33.61
C ALA D 7 -26.35 4.13 34.89
N LYS D 8 -26.89 5.34 35.07
CA LYS D 8 -27.90 5.53 36.11
C LYS D 8 -29.33 5.42 35.59
N PRO D 9 -30.24 4.98 36.46
CA PRO D 9 -31.64 4.95 36.06
C PRO D 9 -32.06 6.33 35.59
N GLY D 10 -32.67 6.39 34.41
CA GLY D 10 -33.09 7.63 33.79
C GLY D 10 -32.03 8.37 33.03
N GLN D 11 -30.78 7.89 33.04
CA GLN D 11 -29.72 8.57 32.31
C GLN D 11 -29.93 8.49 30.81
N PHE D 12 -30.42 7.36 30.33
CA PHE D 12 -30.71 7.21 28.92
C PHE D 12 -32.16 6.83 28.65
N PRO D 13 -33.10 7.76 28.86
CA PRO D 13 -34.52 7.38 28.82
C PRO D 13 -35.04 7.07 27.41
N TRP D 14 -34.28 7.35 26.37
CA TRP D 14 -34.66 6.95 25.02
C TRP D 14 -34.25 5.53 24.72
N GLN D 15 -33.44 4.90 25.59
CA GLN D 15 -32.99 3.55 25.27
C GLN D 15 -34.10 2.53 25.54
N VAL D 16 -34.32 1.65 24.57
CA VAL D 16 -35.25 0.55 24.73
C VAL D 16 -34.49 -0.71 24.38
N VAL D 17 -35.04 -1.85 24.79
CA VAL D 17 -34.54 -3.18 24.51
C VAL D 17 -35.56 -3.94 23.70
N LEU D 18 -35.08 -4.82 22.80
CA LEU D 18 -35.95 -5.68 22.01
C LEU D 18 -35.87 -7.08 22.58
N ASN D 19 -37.04 -7.70 22.81
CA ASN D 19 -37.18 -9.06 23.32
C ASN D 19 -37.90 -9.91 22.29
N GLY D 20 -37.44 -11.14 22.08
CA GLY D 20 -38.16 -12.03 21.20
C GLY D 20 -38.39 -13.39 21.84
N LYS D 21 -38.11 -14.51 21.15
CA LYS D 21 -38.03 -15.78 21.88
C LYS D 21 -36.86 -15.73 22.87
N VAL D 22 -35.73 -15.13 22.46
CA VAL D 22 -34.61 -14.84 23.37
C VAL D 22 -34.80 -13.39 23.82
N ASP D 23 -34.62 -13.16 25.12
CA ASP D 23 -34.69 -11.83 25.68
C ASP D 23 -33.48 -10.94 25.37
N ALA D 24 -33.75 -9.66 25.12
CA ALA D 24 -32.73 -8.61 24.98
C ALA D 24 -31.74 -8.91 23.86
N PHE D 25 -32.24 -9.29 22.69
CA PHE D 25 -31.35 -9.58 21.58
C PHE D 25 -30.80 -8.32 20.93
N CYS D 26 -31.44 -7.17 21.10
CA CYS D 26 -30.99 -5.96 20.41
C CYS D 26 -31.44 -4.76 21.22
N GLY D 27 -31.02 -3.57 20.77
CA GLY D 27 -31.41 -2.32 21.36
C GLY D 27 -32.21 -1.49 20.38
N GLY D 28 -32.60 -0.29 20.84
CA GLY D 28 -33.31 0.66 20.00
C GLY D 28 -33.47 1.99 20.73
N SER D 29 -34.07 2.96 20.02
CA SER D 29 -34.27 4.31 20.55
C SER D 29 -35.70 4.75 20.36
N ILE D 30 -36.21 5.51 21.33
CA ILE D 30 -37.56 6.05 21.25
C ILE D 30 -37.56 7.26 20.32
N VAL D 31 -38.30 7.19 19.22
CA VAL D 31 -38.48 8.37 18.37
C VAL D 31 -39.60 9.26 18.90
N ASN D 32 -40.75 8.65 19.17
CA ASN D 32 -41.87 9.29 19.83
C ASN D 32 -42.64 8.15 20.47
N GLU D 33 -43.86 8.43 20.97
CA GLU D 33 -44.50 7.40 21.79
C GLU D 33 -44.96 6.17 21.01
N LYS D 34 -45.00 6.21 19.68
CA LYS D 34 -45.47 5.10 18.89
C LYS D 34 -44.40 4.46 18.03
N TRP D 35 -43.15 4.96 18.07
CA TRP D 35 -42.14 4.55 17.11
C TRP D 35 -40.76 4.40 17.75
N ILE D 36 -40.10 3.29 17.41
CA ILE D 36 -38.73 2.94 17.81
C ILE D 36 -37.89 2.90 16.54
N VAL D 37 -36.65 3.36 16.63
CA VAL D 37 -35.69 3.21 15.55
C VAL D 37 -34.59 2.26 15.96
N THR D 38 -34.20 1.38 15.05
CA THR D 38 -33.22 0.35 15.37
C THR D 38 -32.49 -0.01 14.08
N ALA D 39 -31.76 -1.12 14.12
CA ALA D 39 -31.03 -1.59 12.96
C ALA D 39 -31.83 -2.68 12.28
N ALA D 40 -31.80 -2.68 10.95
CA ALA D 40 -32.57 -3.66 10.21
C ALA D 40 -32.09 -5.08 10.47
N HIS D 41 -30.79 -5.29 10.65
CA HIS D 41 -30.33 -6.67 10.79
C HIS D 41 -30.81 -7.31 12.09
N CYS D 42 -31.20 -6.50 13.07
CA CYS D 42 -31.84 -6.97 14.30
C CYS D 42 -33.25 -7.51 14.07
N VAL D 43 -34.01 -6.90 13.17
CA VAL D 43 -35.46 -7.06 13.20
C VAL D 43 -36.04 -7.64 11.93
N GLU D 44 -35.27 -7.74 10.85
CA GLU D 44 -35.72 -8.35 9.60
C GLU D 44 -35.55 -9.86 9.73
N THR D 45 -36.27 -10.44 10.69
CA THR D 45 -36.03 -11.81 11.08
C THR D 45 -37.31 -12.61 11.16
N GLY D 46 -38.46 -11.96 11.13
CA GLY D 46 -39.72 -12.61 11.33
C GLY D 46 -40.07 -12.90 12.76
N VAL D 47 -39.14 -12.65 13.67
CA VAL D 47 -39.38 -12.92 15.07
C VAL D 47 -40.44 -11.95 15.59
N LYS D 48 -41.27 -12.44 16.47
CA LYS D 48 -42.31 -11.61 17.05
C LYS D 48 -41.69 -10.92 18.26
N ILE D 49 -41.65 -9.60 18.19
CA ILE D 49 -40.80 -8.76 19.01
C ILE D 49 -41.65 -8.01 20.02
N THR D 50 -41.28 -8.08 21.29
CA THR D 50 -41.85 -7.17 22.27
C THR D 50 -40.79 -6.12 22.66
N VAL D 51 -41.20 -4.85 22.75
CA VAL D 51 -40.31 -3.75 23.11
C VAL D 51 -40.55 -3.39 24.57
N VAL D 52 -39.48 -3.19 25.34
CA VAL D 52 -39.55 -2.75 26.74
C VAL D 52 -38.72 -1.48 26.91
N ALA D 53 -39.39 -0.38 27.25
CA ALA D 53 -38.82 0.91 27.63
C ALA D 53 -38.75 1.08 29.14
N GLY D 54 -38.05 2.13 29.58
CA GLY D 54 -37.92 2.40 31.00
C GLY D 54 -37.16 1.36 31.76
N GLU D 55 -36.35 0.58 31.06
CA GLU D 55 -35.63 -0.56 31.58
C GLU D 55 -34.26 -0.11 32.15
N HIS D 56 -33.80 -0.79 33.22
CA HIS D 56 -32.45 -0.49 33.72
C HIS D 56 -31.62 -1.75 33.94
N ASN D 57 -32.07 -2.61 34.84
CA ASN D 57 -31.44 -3.90 35.13
C ASN D 57 -32.35 -4.95 34.50
N ILE D 58 -31.86 -5.64 33.48
CA ILE D 58 -32.73 -6.54 32.70
C ILE D 58 -33.00 -7.87 33.38
N GLU D 59 -32.52 -8.08 34.61
CA GLU D 59 -32.75 -9.32 35.34
C GLU D 59 -33.97 -9.28 36.26
N GLU D 60 -34.47 -8.09 36.55
CA GLU D 60 -35.48 -7.90 37.58
C GLU D 60 -36.65 -7.11 36.99
N THR D 61 -37.88 -7.43 37.37
CA THR D 61 -38.97 -6.56 36.93
C THR D 61 -38.88 -5.29 37.75
N GLU D 62 -38.75 -4.13 37.10
CA GLU D 62 -38.69 -2.84 37.79
C GLU D 62 -39.96 -2.05 37.50
N HIS D 63 -40.36 -1.23 38.46
CA HIS D 63 -41.65 -0.56 38.32
C HIS D 63 -41.66 0.52 37.25
N THR D 64 -40.53 0.80 36.64
CA THR D 64 -40.50 1.79 35.60
C THR D 64 -40.73 1.22 34.21
N GLU D 65 -40.79 -0.11 34.07
CA GLU D 65 -40.89 -0.75 32.77
C GLU D 65 -42.22 -0.46 32.08
N GLN D 66 -42.15 -0.28 30.77
CA GLN D 66 -43.32 -0.24 29.90
C GLN D 66 -43.11 -1.20 28.75
N LYS D 67 -43.97 -2.20 28.61
CA LYS D 67 -43.85 -3.22 27.58
C LYS D 67 -44.90 -2.98 26.48
N ARG D 68 -44.50 -3.07 25.21
CA ARG D 68 -45.41 -2.87 24.09
C ARG D 68 -45.17 -3.89 23.00
N ASN D 69 -46.25 -4.30 22.33
CA ASN D 69 -46.15 -5.14 21.16
C ASN D 69 -45.82 -4.32 19.92
N VAL D 70 -44.96 -4.88 19.07
CA VAL D 70 -44.67 -4.31 17.77
C VAL D 70 -45.74 -4.72 16.78
N ILE D 71 -46.30 -3.74 16.09
CA ILE D 71 -47.35 -3.95 15.10
C ILE D 71 -46.87 -3.73 13.67
N ARG D 72 -45.72 -3.11 13.49
CA ARG D 72 -45.19 -2.93 12.15
C ARG D 72 -43.68 -2.74 12.19
N ILE D 73 -43.00 -3.32 11.18
CA ILE D 73 -41.56 -3.21 11.01
C ILE D 73 -41.32 -2.64 9.63
N ILE D 74 -40.62 -1.53 9.56
CA ILE D 74 -40.27 -0.92 8.28
C ILE D 74 -38.75 -0.88 8.16
N PRO D 75 -38.12 -1.86 7.53
CA PRO D 75 -36.72 -1.66 7.18
C PRO D 75 -36.71 -0.60 6.11
N HIS D 76 -35.64 0.21 6.11
CA HIS D 76 -35.46 1.15 5.03
C HIS D 76 -35.50 0.42 3.69
N HIS D 77 -36.17 1.04 2.71
CA HIS D 77 -36.52 0.31 1.50
C HIS D 77 -35.30 -0.18 0.75
N ASN D 78 -34.13 0.42 0.98
CA ASN D 78 -32.91 -0.04 0.33
C ASN D 78 -32.29 -1.26 1.02
N TYR D 79 -32.70 -1.58 2.26
CA TYR D 79 -32.02 -2.62 3.01
C TYR D 79 -32.24 -4.00 2.40
N ASN D 80 -33.50 -4.35 2.16
CA ASN D 80 -33.84 -5.64 1.57
C ASN D 80 -33.55 -5.69 0.07
N ALA D 81 -33.30 -4.53 -0.56
CA ALA D 81 -33.04 -4.44 -1.99
C ALA D 81 -31.60 -4.60 -2.39
N ALA D 82 -30.76 -5.13 -1.50
CA ALA D 82 -29.34 -5.27 -1.80
C ALA D 82 -28.78 -6.49 -1.09
N ILE D 83 -27.65 -6.96 -1.58
CA ILE D 83 -27.02 -8.12 -0.95
C ILE D 83 -26.17 -7.73 0.23
N ASN D 84 -25.43 -6.64 0.13
CA ASN D 84 -24.55 -6.21 1.21
C ASN D 84 -25.30 -6.17 2.54
N LYS D 85 -24.66 -6.73 3.58
CA LYS D 85 -25.40 -7.04 4.80
C LYS D 85 -25.70 -5.82 5.67
N TYR D 86 -24.86 -4.78 5.69
CA TYR D 86 -25.02 -3.72 6.68
C TYR D 86 -25.21 -2.33 6.07
N ASN D 87 -25.22 -2.22 4.75
CA ASN D 87 -25.58 -0.95 4.13
C ASN D 87 -27.05 -0.71 4.33
N HIS D 88 -27.39 0.54 4.65
CA HIS D 88 -28.76 0.90 5.01
C HIS D 88 -29.30 0.09 6.18
N ASP D 89 -28.49 -0.11 7.21
CA ASP D 89 -28.87 -0.94 8.35
C ASP D 89 -29.67 -0.11 9.36
N ILE D 90 -30.94 0.11 9.03
CA ILE D 90 -31.82 0.92 9.84
C ILE D 90 -33.26 0.45 9.64
N ALA D 91 -34.05 0.55 10.70
CA ALA D 91 -35.42 0.06 10.69
C ALA D 91 -36.24 0.80 11.73
N LEU D 92 -37.55 0.91 11.42
CA LEU D 92 -38.55 1.51 12.29
C LEU D 92 -39.55 0.48 12.82
N LEU D 93 -39.88 0.58 14.10
CA LEU D 93 -40.90 -0.25 14.71
C LEU D 93 -42.08 0.63 15.15
N GLU D 94 -43.30 0.28 14.72
CA GLU D 94 -44.53 0.91 15.21
C GLU D 94 -45.09 0.08 16.35
N LEU D 95 -45.54 0.74 17.41
CA LEU D 95 -46.02 0.11 18.63
C LEU D 95 -47.53 0.03 18.69
N ASP D 96 -48.03 -0.98 19.45
CA ASP D 96 -49.47 -1.24 19.54
C ASP D 96 -50.22 -0.15 20.29
N GLU D 97 -49.66 0.35 21.38
CA GLU D 97 -50.25 1.43 22.16
C GLU D 97 -49.16 2.41 22.51
N PRO D 98 -49.51 3.69 22.62
CA PRO D 98 -48.49 4.72 22.87
C PRO D 98 -47.77 4.52 24.18
N LEU D 99 -46.47 4.79 24.16
CA LEU D 99 -45.73 4.93 25.42
C LEU D 99 -46.27 6.09 26.26
N VAL D 100 -46.06 5.96 27.56
CA VAL D 100 -46.32 7.04 28.48
C VAL D 100 -45.00 7.74 28.78
N LEU D 101 -44.79 8.94 28.22
CA LEU D 101 -43.52 9.60 28.44
C LEU D 101 -43.41 10.03 29.90
N ASN D 102 -42.21 9.86 30.46
CA ASN D 102 -41.90 10.22 31.82
C ASN D 102 -40.37 10.24 31.96
N SER D 103 -39.88 10.24 33.20
CA SER D 103 -38.45 10.42 33.43
C SER D 103 -37.63 9.28 32.87
N TYR D 104 -38.22 8.10 32.75
CA TYR D 104 -37.48 6.94 32.29
C TYR D 104 -37.78 6.59 30.83
N VAL D 105 -38.68 7.34 30.21
CA VAL D 105 -39.22 7.07 28.89
C VAL D 105 -39.41 8.40 28.21
N THR D 106 -38.42 8.81 27.40
CA THR D 106 -38.34 10.13 26.77
C THR D 106 -37.76 9.91 25.38
N PRO D 107 -38.27 10.61 24.36
CA PRO D 107 -37.71 10.45 23.01
C PRO D 107 -36.28 10.99 22.94
N ILE D 108 -35.57 10.58 21.89
CA ILE D 108 -34.31 11.19 21.49
C ILE D 108 -34.62 12.25 20.44
N CYS D 109 -33.92 13.37 20.48
CA CYS D 109 -34.08 14.42 19.47
C CYS D 109 -33.44 14.00 18.16
N ILE D 110 -34.01 14.48 17.07
CA ILE D 110 -33.52 14.20 15.71
C ILE D 110 -33.48 15.51 14.91
N ALA D 111 -32.28 15.99 14.55
CA ALA D 111 -32.23 17.23 13.78
C ALA D 111 -32.41 16.90 12.30
N ASP D 112 -32.39 17.92 11.44
CA ASP D 112 -32.47 17.71 10.00
C ASP D 112 -31.14 17.16 9.48
N LYS D 113 -31.08 16.90 8.16
CA LYS D 113 -29.89 16.24 7.60
C LYS D 113 -28.62 17.05 7.88
N GLU D 114 -28.67 18.35 7.60
CA GLU D 114 -27.51 19.22 7.75
C GLU D 114 -26.97 19.21 9.18
N TYR D 115 -27.85 19.41 10.16
CA TYR D 115 -27.45 19.56 11.55
C TYR D 115 -27.13 18.24 12.25
N THR D 116 -27.77 17.15 11.85
CA THR D 116 -27.37 15.86 12.40
C THR D 116 -25.92 15.58 12.08
N ASN D 117 -25.49 15.90 10.85
CA ASN D 117 -24.10 15.72 10.41
C ASN D 117 -23.13 16.68 11.10
N ILE D 118 -23.54 17.95 11.27
CA ILE D 118 -22.70 18.91 12.01
C ILE D 118 -22.39 18.41 13.42
N PHE D 119 -23.43 17.92 14.14
CA PHE D 119 -23.26 17.41 15.50
C PHE D 119 -22.37 16.19 15.52
N LEU D 120 -22.55 15.32 14.53
CA LEU D 120 -21.70 14.16 14.41
C LEU D 120 -20.24 14.57 14.31
N LYS D 121 -19.95 15.64 13.55
CA LYS D 121 -18.58 16.10 13.34
C LYS D 121 -18.02 16.84 14.55
N PHE D 122 -18.82 17.08 15.59
CA PHE D 122 -18.25 17.44 16.87
C PHE D 122 -17.27 16.38 17.36
N GLY D 123 -17.47 15.12 16.98
CA GLY D 123 -16.48 14.10 17.19
C GLY D 123 -16.55 13.31 18.48
N SER D 124 -17.61 13.47 19.28
CA SER D 124 -17.73 12.71 20.51
C SER D 124 -19.17 12.25 20.70
N GLY D 125 -19.37 10.92 20.80
CA GLY D 125 -20.69 10.35 20.96
C GLY D 125 -20.76 9.35 22.10
N TYR D 126 -21.99 8.98 22.45
CA TYR D 126 -22.28 7.96 23.44
C TYR D 126 -23.02 6.78 22.82
N VAL D 127 -22.62 5.59 23.21
CA VAL D 127 -23.36 4.40 22.83
C VAL D 127 -23.80 3.70 24.10
N SER D 128 -24.88 2.93 24.01
CA SER D 128 -25.39 2.26 25.20
C SER D 128 -26.07 0.98 24.76
N GLY D 129 -26.15 0.03 25.68
CA GLY D 129 -26.91 -1.18 25.43
C GLY D 129 -26.56 -2.24 26.46
N TRP D 130 -27.23 -3.39 26.31
CA TRP D 130 -27.05 -4.55 27.17
C TRP D 130 -26.32 -5.70 26.50
N GLY D 131 -25.55 -5.42 25.45
CA GLY D 131 -24.84 -6.49 24.79
C GLY D 131 -23.67 -6.97 25.62
N ARG D 132 -22.89 -7.84 24.99
CA ARG D 132 -21.76 -8.48 25.64
C ARG D 132 -20.75 -7.44 26.12
N VAL D 133 -20.17 -7.67 27.31
CA VAL D 133 -19.17 -6.78 27.89
C VAL D 133 -17.71 -7.23 27.61
N PHE D 134 -17.54 -8.38 26.98
CA PHE D 134 -16.31 -8.88 26.39
C PHE D 134 -16.67 -9.61 25.12
N HIS D 135 -15.78 -9.58 24.14
CA HIS D 135 -15.99 -10.35 22.92
C HIS D 135 -16.31 -11.80 23.27
N LYS D 136 -17.44 -12.30 22.77
CA LYS D 136 -17.99 -13.63 23.10
C LYS D 136 -18.17 -13.88 24.61
N GLY D 137 -18.26 -12.83 25.44
CA GLY D 137 -18.42 -12.96 26.89
C GLY D 137 -19.86 -12.88 27.37
N ARG D 138 -20.02 -12.57 28.66
CA ARG D 138 -21.37 -12.51 29.20
C ARG D 138 -21.94 -11.13 28.89
N SER D 139 -23.27 -11.03 28.88
CA SER D 139 -23.99 -9.79 28.62
C SER D 139 -24.19 -8.98 29.90
N ALA D 140 -24.47 -7.69 29.71
CA ALA D 140 -24.61 -6.80 30.85
C ALA D 140 -25.94 -7.02 31.55
N LEU D 141 -25.96 -6.73 32.85
CA LEU D 141 -27.20 -6.67 33.61
C LEU D 141 -27.74 -5.24 33.70
N VAL D 142 -26.87 -4.29 34.06
CA VAL D 142 -27.23 -2.87 34.12
C VAL D 142 -26.82 -2.24 32.81
N LEU D 143 -27.64 -1.32 32.31
CA LEU D 143 -27.34 -0.58 31.10
C LEU D 143 -25.92 -0.03 31.13
N GLN D 144 -25.19 -0.22 30.02
CA GLN D 144 -23.83 0.29 29.85
C GLN D 144 -23.81 1.48 28.91
N TYR D 145 -22.88 2.40 29.17
CA TYR D 145 -22.63 3.51 28.25
C TYR D 145 -21.13 3.73 28.11
N LEU D 146 -20.77 4.46 27.06
CA LEU D 146 -19.37 4.62 26.70
C LEU D 146 -19.24 5.84 25.81
N ARG D 147 -18.32 6.75 26.16
CA ARG D 147 -18.01 7.83 25.23
C ARG D 147 -17.08 7.29 24.17
N VAL D 148 -17.39 7.54 22.89
CA VAL D 148 -16.55 7.09 21.78
C VAL D 148 -16.26 8.25 20.83
N PRO D 149 -14.99 8.44 20.46
CA PRO D 149 -14.64 9.46 19.46
C PRO D 149 -14.91 9.00 18.03
N LEU D 150 -15.34 9.95 17.20
CA LEU D 150 -15.43 9.74 15.77
C LEU D 150 -14.06 9.50 15.16
N VAL D 151 -13.98 8.53 14.25
CA VAL D 151 -12.76 8.22 13.52
C VAL D 151 -12.96 8.71 12.09
N ASP D 152 -11.96 9.42 11.57
CA ASP D 152 -12.05 10.02 10.25
C ASP D 152 -12.14 8.96 9.17
N ARG D 153 -12.72 9.36 8.03
CA ARG D 153 -13.04 8.37 7.01
C ARG D 153 -11.81 7.65 6.46
N ALA D 154 -10.73 8.39 6.19
CA ALA D 154 -9.52 7.78 5.66
C ALA D 154 -9.00 6.68 6.57
N THR D 155 -8.98 6.97 7.89
CA THR D 155 -8.52 6.00 8.87
C THR D 155 -9.43 4.79 8.95
N CYS D 156 -10.73 5.02 8.86
CA CYS D 156 -11.73 3.96 8.95
C CYS D 156 -11.60 3.01 7.78
N LEU D 157 -11.51 3.58 6.56
CA LEU D 157 -11.40 2.78 5.35
C LEU D 157 -10.16 1.93 5.36
N ARG D 158 -9.08 2.38 5.99
CA ARG D 158 -7.85 1.65 5.94
C ARG D 158 -7.73 0.65 7.07
N SER D 159 -8.70 0.65 7.97
CA SER D 159 -8.72 -0.25 9.11
C SER D 159 -9.30 -1.63 8.77
N THR D 160 -9.85 -1.83 7.57
CA THR D 160 -10.58 -3.07 7.26
C THR D 160 -10.48 -3.34 5.77
N LYS D 161 -10.54 -4.62 5.41
CA LYS D 161 -10.69 -4.97 4.01
C LYS D 161 -12.08 -4.72 3.47
N PHE D 162 -13.07 -4.62 4.35
CA PHE D 162 -14.47 -4.55 3.99
C PHE D 162 -14.82 -3.18 3.46
N THR D 163 -15.89 -3.14 2.65
CA THR D 163 -16.34 -1.88 2.09
C THR D 163 -17.09 -1.09 3.17
N ILE D 164 -16.68 0.16 3.39
CA ILE D 164 -17.38 1.07 4.30
C ILE D 164 -18.11 2.09 3.43
N TYR D 165 -19.42 2.05 3.43
CA TYR D 165 -20.21 2.97 2.60
C TYR D 165 -20.33 4.35 3.20
N ASN D 166 -20.74 5.30 2.36
CA ASN D 166 -20.98 6.66 2.81
C ASN D 166 -22.11 6.72 3.81
N ASN D 167 -22.90 5.64 3.92
CA ASN D 167 -23.98 5.53 4.88
C ASN D 167 -23.49 4.94 6.20
N MET D 168 -22.18 4.81 6.41
CA MET D 168 -21.60 4.34 7.65
C MET D 168 -20.61 5.37 8.17
N PHE D 169 -20.28 5.28 9.47
CA PHE D 169 -19.16 6.03 10.04
C PHE D 169 -18.47 5.19 11.12
N CYS D 170 -17.26 5.62 11.50
CA CYS D 170 -16.43 4.90 12.46
C CYS D 170 -16.33 5.61 13.80
N ALA D 171 -16.33 4.83 14.87
CA ALA D 171 -16.03 5.40 16.17
C ALA D 171 -15.36 4.33 17.00
N GLY D 172 -14.46 4.76 17.88
CA GLY D 172 -13.69 3.85 18.71
C GLY D 172 -12.31 4.39 19.00
N PHE D 173 -11.49 3.55 19.63
CA PHE D 173 -10.20 3.99 20.14
C PHE D 173 -9.02 3.33 19.43
N HIS D 174 -7.98 4.13 19.19
CA HIS D 174 -6.75 3.61 18.60
C HIS D 174 -6.25 2.33 19.29
N GLU D 175 -6.23 2.32 20.62
CA GLU D 175 -5.66 1.21 21.39
C GLU D 175 -6.62 0.06 21.65
N GLY D 176 -7.90 0.19 21.25
CA GLY D 176 -8.88 -0.88 21.48
C GLY D 176 -9.39 -0.92 22.91
N GLY D 177 -9.99 -2.06 23.26
CA GLY D 177 -10.45 -2.28 24.62
C GLY D 177 -11.78 -1.66 24.97
N ARG D 178 -12.30 -0.75 24.15
CA ARG D 178 -13.57 -0.07 24.39
C ARG D 178 -14.35 0.05 23.09
N ASP D 179 -15.56 -0.53 23.03
CA ASP D 179 -16.32 -0.70 21.80
C ASP D 179 -17.73 -1.16 22.17
N SER D 180 -18.69 -0.96 21.26
CA SER D 180 -19.95 -1.70 21.33
C SER D 180 -19.73 -3.13 20.80
N CYS D 181 -20.74 -3.99 21.00
CA CYS D 181 -20.51 -5.41 20.75
C CYS D 181 -21.83 -6.07 20.34
N GLN D 182 -21.78 -7.37 20.11
CA GLN D 182 -22.97 -8.14 19.82
C GLN D 182 -24.03 -7.96 20.89
N GLY D 183 -25.28 -7.80 20.45
CA GLY D 183 -26.35 -7.53 21.37
C GLY D 183 -26.66 -6.08 21.59
N ASP D 184 -25.73 -5.17 21.24
CA ASP D 184 -25.98 -3.73 21.34
C ASP D 184 -26.59 -3.15 20.07
N SER D 185 -26.64 -3.96 19.02
CA SER D 185 -27.08 -3.54 17.70
C SER D 185 -28.45 -2.90 17.75
N GLY D 186 -28.60 -1.80 17.01
CA GLY D 186 -29.82 -1.04 17.00
C GLY D 186 -29.92 0.06 18.04
N GLY D 187 -29.10 -0.01 19.09
CA GLY D 187 -29.04 1.05 20.07
C GLY D 187 -28.48 2.34 19.50
N PRO D 188 -28.61 3.44 20.26
CA PRO D 188 -28.30 4.76 19.70
C PRO D 188 -26.84 5.15 19.86
N HIS D 189 -26.37 5.93 18.89
CA HIS D 189 -25.17 6.75 19.04
C HIS D 189 -25.68 8.18 19.08
N VAL D 190 -25.48 8.86 20.20
CA VAL D 190 -26.03 10.19 20.42
C VAL D 190 -24.91 11.18 20.74
N THR D 191 -25.17 12.46 20.41
CA THR D 191 -24.27 13.56 20.69
C THR D 191 -25.01 14.54 21.60
N GLU D 192 -24.38 14.95 22.72
CA GLU D 192 -25.02 15.91 23.62
C GLU D 192 -24.67 17.32 23.19
N VAL D 193 -25.70 18.14 23.03
CA VAL D 193 -25.55 19.52 22.59
C VAL D 193 -26.22 20.38 23.64
N GLU D 194 -25.43 20.97 24.53
CA GLU D 194 -25.93 21.76 25.63
C GLU D 194 -27.01 20.97 26.38
N GLY D 195 -26.67 19.75 26.79
CA GLY D 195 -27.60 18.95 27.56
C GLY D 195 -28.78 18.35 26.81
N THR D 196 -28.87 18.54 25.49
CA THR D 196 -29.92 17.96 24.67
C THR D 196 -29.31 16.91 23.76
N SER D 197 -29.74 15.67 23.89
CA SER D 197 -29.12 14.60 23.12
C SER D 197 -29.80 14.42 21.77
N PHE D 198 -28.99 14.27 20.72
CA PHE D 198 -29.49 14.14 19.37
C PHE D 198 -28.95 12.83 18.82
N LEU D 199 -29.78 12.13 18.04
CA LEU D 199 -29.39 10.86 17.45
C LEU D 199 -28.50 11.13 16.23
N THR D 200 -27.29 10.55 16.23
CA THR D 200 -26.38 10.72 15.11
C THR D 200 -26.00 9.39 14.46
N GLY D 201 -26.20 8.25 15.14
CA GLY D 201 -25.97 6.95 14.54
C GLY D 201 -26.75 5.79 15.16
N ILE D 202 -26.69 4.64 14.47
CA ILE D 202 -27.21 3.35 14.95
C ILE D 202 -26.06 2.36 15.05
N ILE D 203 -25.96 1.67 16.19
CA ILE D 203 -24.96 0.62 16.37
C ILE D 203 -25.22 -0.46 15.34
N SER D 204 -24.22 -0.76 14.52
CA SER D 204 -24.47 -1.66 13.40
C SER D 204 -23.54 -2.86 13.38
N TRP D 205 -22.23 -2.68 13.26
CA TRP D 205 -21.34 -3.84 13.11
C TRP D 205 -19.88 -3.50 13.40
N GLY D 206 -19.06 -4.54 13.31
CA GLY D 206 -17.61 -4.46 13.43
C GLY D 206 -16.97 -5.83 13.24
N GLU D 207 -15.65 -5.82 13.18
CA GLU D 207 -14.89 -7.07 13.17
C GLU D 207 -14.52 -7.33 14.62
N GLU D 208 -15.12 -8.35 15.22
CA GLU D 208 -15.01 -8.56 16.64
C GLU D 208 -15.38 -7.32 17.46
N CYS D 209 -14.86 -7.23 18.68
CA CYS D 209 -15.23 -6.15 19.58
C CYS D 209 -13.95 -5.66 20.24
N ALA D 210 -13.73 -4.36 20.21
CA ALA D 210 -12.68 -3.74 21.02
C ALA D 210 -11.29 -4.23 20.65
N MET D 211 -11.13 -4.84 19.47
CA MET D 211 -9.80 -5.27 19.05
C MET D 211 -8.98 -4.05 18.67
N LYS D 212 -7.70 -4.04 19.06
CA LYS D 212 -6.83 -2.93 18.66
C LYS D 212 -6.69 -2.87 17.15
N GLY D 213 -6.79 -1.66 16.60
CA GLY D 213 -6.74 -1.50 15.17
C GLY D 213 -8.06 -1.55 14.44
N LYS D 214 -9.09 -2.04 15.10
CA LYS D 214 -10.45 -2.10 14.58
C LYS D 214 -11.30 -1.08 15.32
N TYR D 215 -12.43 -0.73 14.72
CA TYR D 215 -13.34 0.29 15.23
C TYR D 215 -14.77 -0.23 15.13
N GLY D 216 -15.68 0.38 15.89
CA GLY D 216 -17.11 0.10 15.69
C GLY D 216 -17.70 0.85 14.50
N ILE D 217 -18.64 0.22 13.79
CA ILE D 217 -19.29 0.80 12.61
C ILE D 217 -20.74 1.14 12.89
N TYR D 218 -21.13 2.36 12.48
CA TYR D 218 -22.41 2.92 12.85
C TYR D 218 -23.16 3.39 11.60
N THR D 219 -24.48 3.16 11.55
CA THR D 219 -25.27 3.78 10.48
C THR D 219 -25.36 5.29 10.67
N LYS D 220 -25.17 6.04 9.58
CA LYS D 220 -25.11 7.50 9.60
C LYS D 220 -26.53 8.04 9.51
N VAL D 221 -27.07 8.49 10.64
CA VAL D 221 -28.50 8.78 10.72
C VAL D 221 -28.89 9.98 9.87
N SER D 222 -27.95 10.92 9.68
CA SER D 222 -28.24 12.14 8.91
C SER D 222 -28.79 11.81 7.54
N ARG D 223 -28.28 10.75 6.93
CA ARG D 223 -28.72 10.34 5.60
C ARG D 223 -30.14 9.83 5.61
N TYR D 224 -30.67 9.52 6.79
CA TYR D 224 -31.99 8.93 6.89
C TYR D 224 -32.99 9.79 7.67
N VAL D 225 -32.59 10.97 8.18
CA VAL D 225 -33.50 11.67 9.09
C VAL D 225 -34.75 12.12 8.37
N ASN D 226 -34.64 12.48 7.10
CA ASN D 226 -35.82 12.91 6.36
C ASN D 226 -36.77 11.74 6.24
N TRP D 227 -36.24 10.54 6.03
CA TRP D 227 -37.07 9.33 6.00
C TRP D 227 -37.70 9.05 7.37
N ILE D 228 -36.94 9.19 8.45
CA ILE D 228 -37.46 8.96 9.79
C ILE D 228 -38.63 9.88 10.10
N LYS D 229 -38.46 11.16 9.81
CA LYS D 229 -39.49 12.12 10.13
C LYS D 229 -40.79 11.78 9.41
N GLU D 230 -40.70 11.40 8.14
CA GLU D 230 -41.90 11.10 7.37
C GLU D 230 -42.66 9.88 7.89
N LYS D 231 -41.95 8.79 8.18
CA LYS D 231 -42.61 7.55 8.56
C LYS D 231 -43.15 7.59 9.98
N THR D 232 -42.57 8.37 10.89
CA THR D 232 -42.97 8.32 12.30
C THR D 232 -43.87 9.47 12.70
N LYS D 233 -44.24 10.30 11.73
CA LYS D 233 -45.05 11.49 11.95
C LYS D 233 -46.39 11.07 12.51
N LEU D 234 -46.81 11.69 13.60
CA LEU D 234 -48.08 11.28 14.22
C LEU D 234 -49.24 12.05 13.59
N THR D 235 -50.14 11.28 12.97
CA THR D 235 -51.28 11.73 12.15
C THR D 235 -50.92 12.99 11.34
S SO4 E . 3.14 -21.81 3.51
O1 SO4 E . 4.03 -20.67 3.65
O2 SO4 E . 3.75 -22.92 2.77
O3 SO4 E . 1.94 -21.36 2.80
O4 SO4 E . 2.84 -22.29 4.86
S SO4 F . -3.84 -1.35 9.71
O1 SO4 F . -4.04 -0.57 8.46
O2 SO4 F . -2.71 -2.28 9.54
O3 SO4 F . -5.11 -2.07 10.02
O4 SO4 F . -3.51 -0.45 10.83
S SO4 G . -4.14 -10.49 -30.16
O1 SO4 G . -3.37 -10.58 -31.41
O2 SO4 G . -3.17 -10.68 -29.07
O3 SO4 G . -4.92 -9.23 -30.06
O4 SO4 G . -5.09 -11.61 -30.16
S SO4 H . -2.74 -13.91 6.94
O1 SO4 H . -2.32 -13.64 8.32
O2 SO4 H . -1.63 -13.48 6.07
O3 SO4 H . -3.96 -13.15 6.61
O4 SO4 H . -3.00 -15.36 6.78
S SO4 I . -6.33 -19.06 1.32
O1 SO4 I . -5.78 -18.91 2.68
O2 SO4 I . -5.17 -19.10 0.42
O3 SO4 I . -7.24 -17.95 0.97
O4 SO4 I . -7.10 -20.32 1.22
S SO4 J . 17.34 -7.41 1.71
O1 SO4 J . 18.66 -7.41 2.37
O2 SO4 J . 17.47 -7.59 0.26
O3 SO4 J . 16.71 -6.12 1.96
O4 SO4 J . 16.50 -8.52 2.21
S SO4 K . -0.32 -0.22 13.87
O1 SO4 K . -0.44 1.23 13.66
O2 SO4 K . 0.81 -0.44 14.78
O3 SO4 K . -1.55 -0.75 14.46
O4 SO4 K . -0.07 -0.91 12.59
S SO4 L . 20.83 -6.21 9.56
O1 SO4 L . 21.31 -4.85 9.82
O2 SO4 L . 21.96 -7.11 9.29
O3 SO4 L . 20.09 -6.66 10.73
O4 SO4 L . 19.91 -6.19 8.42
S SO4 M . 21.23 -0.79 13.53
O1 SO4 M . 20.67 -1.25 12.27
O2 SO4 M . 22.52 -0.11 13.28
O3 SO4 M . 20.34 0.11 14.28
O4 SO4 M . 21.45 -1.96 14.36
S SO4 N . -35.79 20.11 13.72
O1 SO4 N . -34.61 20.63 12.99
O2 SO4 N . -35.36 19.21 14.80
O3 SO4 N . -36.65 19.35 12.80
O4 SO4 N . -36.54 21.20 14.35
N 0GJ O . -18.28 -9.35 12.21
CA 0GJ O . -19.64 -9.81 12.27
C 0GJ O . -20.59 -8.63 12.66
O 0GJ O . -20.15 -7.65 13.18
CB 0GJ O . -19.68 -11.03 13.21
CG 0GJ O . -20.91 -11.13 14.12
CD 0GJ O . -20.46 -11.67 15.49
OE1 0GJ O . -21.26 -12.37 16.19
OE2 0GJ O . -19.29 -11.39 15.91
N1 0GJ O . -22.05 -8.67 12.36
CA1 0GJ O . -22.99 -7.56 12.70
C1 0GJ O . -23.41 -7.63 14.19
O1 0GJ O . -23.09 -8.55 14.85
N2 0GJ O . -24.19 -6.53 14.81
CA2 0GJ O . -24.55 -6.59 16.22
C2 0GJ O . -26.02 -6.19 16.40
O2 0GJ O . -26.39 -6.63 17.70
CB1 0GJ O . -23.58 -5.63 16.97
CG1 0GJ O . -22.15 -5.57 16.33
CD1 0GJ O . -21.37 -4.29 16.67
NE 0GJ O . -19.91 -4.60 16.80
CZ 0GJ O . -18.95 -3.52 17.13
NH1 0GJ O . -17.55 -3.78 17.26
NH2 0GJ O . -19.34 -2.36 17.29
C3 0GJ O . -26.83 -6.91 15.30
S SO4 P . -34.78 8.17 1.34
O1 SO4 P . -34.07 8.12 0.07
O2 SO4 P . -34.82 9.54 1.86
O3 SO4 P . -34.07 7.34 2.30
O4 SO4 P . -36.15 7.71 1.10
S SO4 Q . -40.29 -16.37 17.77
O1 SO4 Q . -39.14 -16.87 17.02
O2 SO4 Q . -39.95 -15.41 18.82
O3 SO4 Q . -40.97 -17.49 18.41
O4 SO4 Q . -41.17 -15.71 16.81
S SO4 R . -21.60 -11.99 9.43
O1 SO4 R . -22.05 -11.01 8.44
O2 SO4 R . -20.14 -11.87 9.60
O3 SO4 R . -22.31 -11.72 10.69
O4 SO4 R . -21.93 -13.34 8.97
S SO4 S . -27.17 5.32 -1.84
O1 SO4 S . -26.72 6.39 -2.71
O2 SO4 S . -26.18 4.22 -1.81
O3 SO4 S . -27.33 5.86 -0.48
O4 SO4 S . -28.47 4.86 -2.33
S SO4 T . -33.41 6.37 -2.64
O1 SO4 T . -33.12 7.46 -3.57
O2 SO4 T . -32.28 6.26 -1.70
O3 SO4 T . -33.57 5.13 -3.39
O4 SO4 T . -34.65 6.64 -1.90
S SO4 U . -13.74 -2.42 11.51
O1 SO4 U . -12.73 -1.33 11.72
O2 SO4 U . -13.13 -3.45 10.64
O3 SO4 U . -14.92 -1.92 10.81
O4 SO4 U . -14.25 -3.09 12.74
S SO4 V . -29.99 7.27 1.20
O1 SO4 V . -29.85 8.72 1.27
O2 SO4 V . -28.84 6.69 1.90
O3 SO4 V . -31.26 6.87 1.79
O4 SO4 V . -29.98 6.76 -0.18
CA CA W . -35.47 -3.93 34.88
#